data_6YYH
#
_entry.id   6YYH
#
_cell.length_a   159.140
_cell.length_b   159.140
_cell.length_c   100.150
_cell.angle_alpha   90.000
_cell.angle_beta   90.000
_cell.angle_gamma   120.000
#
_symmetry.space_group_name_H-M   'P 31 2 1'
#
loop_
_entity.id
_entity.type
_entity.pdbx_description
1 polymer Beta-xylosidase
2 non-polymer 'CITRIC ACID'
3 non-polymer 1,2-ETHANEDIOL
4 non-polymer 'SULFATE ION'
5 water water
#
_entity_poly.entity_id   1
_entity_poly.type   'polypeptide(L)'
_entity_poly.pdbx_seq_one_letter_code
;MGSSHHHHHHSSGLVPRGSHMAMNHIKIEKGKYVGVFPDNWKFCVGSGRIGLALQKEYIDALSFVKRHIDFKYLRAHGLL
HDDVGIYREDIVDGKTIPFYNFTYIDRIYDSFLEIGIRPFVEIGFMPSKLASGDQTVFYWRGNVTPPKDYKEWEKLIKNV
VKHFIDRYGEKEVTQWPFEIWNEPNLTVFWKDANQAEYFKLYEVTVKAIKEVNENIKVGGPAICGGSDYWITDFLNFCYK
NNVPVDFLTRHAYTGKPPIYTPHFVYQDVHPIEYMLNEFKTVREMVKNSPFPNLPIHITEFNSSYHPLCPIHDTPFNAAY
LARVLSEGGDYVDSFSYWTFSDVFEEADVPRSLFHGGFGLVAFHNIPKPVFHMFTFFNAMGEKILYRDDHILITEREDKS
VALIAWNEVMTKEENQERKYRIEIPVDYKEVFIKQKLIDEEYGNPWRTWIQMGRPRFPSKKQIETLREVATPKVTTFRKT
VENGHITLEFTLGKNAVTLFEISKVIDESHTYIGLDDSKIPGGY
;
_entity_poly.pdbx_strand_id   A,B
#
loop_
_chem_comp.id
_chem_comp.type
_chem_comp.name
_chem_comp.formula
CIT non-polymer 'CITRIC ACID' 'C6 H8 O7'
EDO non-polymer 1,2-ETHANEDIOL 'C2 H6 O2'
SO4 non-polymer 'SULFATE ION' 'O4 S -2'
#
# COMPACT_ATOMS: atom_id res chain seq x y z
N MET A 23 39.89 23.32 -20.90
CA MET A 23 40.69 23.16 -19.69
C MET A 23 40.64 21.71 -19.19
N ASN A 24 40.87 21.54 -17.88
CA ASN A 24 41.05 20.24 -17.22
C ASN A 24 41.57 19.13 -18.14
N HIS A 25 42.87 19.14 -18.40
CA HIS A 25 43.50 18.10 -19.21
C HIS A 25 43.86 16.92 -18.32
N ILE A 26 43.72 15.72 -18.89
CA ILE A 26 43.92 14.48 -18.14
C ILE A 26 44.55 13.46 -19.08
N LYS A 27 45.72 12.94 -18.70
CA LYS A 27 46.40 11.88 -19.42
C LYS A 27 46.48 10.67 -18.50
N ILE A 28 45.78 9.61 -18.85
CA ILE A 28 45.82 8.37 -18.09
C ILE A 28 46.93 7.49 -18.63
N GLU A 29 47.81 7.03 -17.74
CA GLU A 29 48.97 6.22 -18.12
C GLU A 29 48.59 4.75 -18.18
N LYS A 30 49.05 4.07 -19.25
CA LYS A 30 48.72 2.68 -19.55
C LYS A 30 48.98 1.75 -18.38
N GLY A 31 47.91 1.13 -17.87
CA GLY A 31 48.03 0.16 -16.78
C GLY A 31 48.59 0.70 -15.48
N LYS A 32 48.16 1.88 -15.05
CA LYS A 32 48.55 2.48 -13.78
C LYS A 32 47.30 2.81 -12.98
N TYR A 33 47.35 2.57 -11.67
CA TYR A 33 46.18 2.73 -10.81
C TYR A 33 46.54 3.55 -9.58
N VAL A 34 45.62 4.42 -9.17
CA VAL A 34 45.54 4.88 -7.80
C VAL A 34 44.48 3.95 -7.21
N GLY A 35 43.91 4.26 -6.04
CA GLY A 35 43.04 3.34 -5.29
C GLY A 35 41.94 2.46 -5.91
N VAL A 36 40.94 2.09 -5.12
CA VAL A 36 39.90 1.18 -5.60
C VAL A 36 38.52 1.77 -5.29
N PHE A 37 37.56 1.52 -6.21
CA PHE A 37 36.18 1.95 -5.99
C PHE A 37 35.36 0.85 -5.32
N PRO A 38 34.97 1.01 -4.07
CA PRO A 38 34.17 0.00 -3.39
C PRO A 38 32.69 0.21 -3.69
N ASP A 39 31.87 -0.74 -3.23
CA ASP A 39 30.43 -0.67 -3.45
C ASP A 39 29.68 -0.06 -2.29
N ASN A 40 30.37 0.44 -1.26
CA ASN A 40 29.70 1.09 -0.14
C ASN A 40 28.57 2.01 -0.56
N TRP A 41 28.71 2.64 -1.74
CA TRP A 41 27.71 3.60 -2.16
C TRP A 41 26.33 2.97 -2.32
N LYS A 42 26.24 1.66 -2.55
CA LYS A 42 24.94 1.00 -2.70
C LYS A 42 24.61 0.08 -1.54
N PHE A 43 25.26 0.26 -0.39
CA PHE A 43 25.01 -0.63 0.73
C PHE A 43 23.63 -0.41 1.36
N CYS A 44 23.08 0.81 1.29
CA CYS A 44 21.84 1.09 2.02
C CYS A 44 21.21 2.38 1.51
N VAL A 45 19.87 2.45 1.52
CA VAL A 45 19.10 3.68 1.29
C VAL A 45 18.18 3.93 2.46
N GLY A 46 17.63 5.14 2.45
CA GLY A 46 16.67 5.57 3.44
C GLY A 46 15.27 5.57 2.88
N SER A 47 14.31 5.83 3.77
CA SER A 47 12.91 5.64 3.45
C SER A 47 12.04 6.50 4.36
N GLY A 48 10.83 6.78 3.88
CA GLY A 48 9.74 7.18 4.76
C GLY A 48 9.53 6.17 5.90
N ARG A 49 8.75 6.52 6.92
CA ARG A 49 8.60 5.63 8.08
C ARG A 49 8.03 4.28 7.67
N ILE A 50 8.39 3.26 8.44
CA ILE A 50 8.19 1.89 8.04
C ILE A 50 6.71 1.56 7.80
N GLY A 51 5.80 2.18 8.55
CA GLY A 51 4.38 2.03 8.27
C GLY A 51 3.99 2.41 6.85
N LEU A 52 4.70 3.33 6.23
CA LEU A 52 4.38 3.69 4.86
C LEU A 52 4.77 2.60 3.88
N ALA A 53 5.64 1.67 4.28
CA ALA A 53 5.93 0.52 3.43
C ALA A 53 4.71 -0.35 3.17
N LEU A 54 3.60 -0.09 3.87
CA LEU A 54 2.36 -0.76 3.55
C LEU A 54 1.78 -0.25 2.25
N GLN A 55 2.19 0.94 1.81
CA GLN A 55 1.53 1.60 0.69
C GLN A 55 1.91 0.95 -0.63
N LYS A 56 0.91 0.78 -1.51
CA LYS A 56 1.21 0.28 -2.84
C LYS A 56 2.26 1.14 -3.52
N GLU A 57 2.07 2.46 -3.49
CA GLU A 57 3.04 3.36 -4.11
C GLU A 57 4.44 3.10 -3.56
N TYR A 58 4.57 3.02 -2.23
CA TYR A 58 5.87 2.68 -1.65
C TYR A 58 6.47 1.47 -2.34
N ILE A 59 5.75 0.36 -2.32
CA ILE A 59 6.31 -0.89 -2.83
C ILE A 59 6.56 -0.79 -4.33
N ASP A 60 5.68 -0.11 -5.07
CA ASP A 60 5.94 0.08 -6.49
C ASP A 60 7.23 0.85 -6.73
N ALA A 61 7.48 1.89 -5.92
CA ALA A 61 8.69 2.67 -6.05
C ALA A 61 9.90 1.88 -5.61
N LEU A 62 9.76 1.09 -4.54
CA LEU A 62 10.90 0.33 -4.06
C LEU A 62 11.32 -0.71 -5.08
N SER A 63 10.36 -1.35 -5.75
CA SER A 63 10.71 -2.32 -6.79
C SER A 63 11.40 -1.63 -7.94
N PHE A 64 10.87 -0.48 -8.36
CA PHE A 64 11.45 0.28 -9.46
C PHE A 64 12.89 0.67 -9.17
N VAL A 65 13.14 1.27 -8.01
CA VAL A 65 14.50 1.53 -7.62
C VAL A 65 15.32 0.24 -7.69
N LYS A 66 14.80 -0.83 -7.09
CA LYS A 66 15.57 -2.08 -7.03
C LYS A 66 15.73 -2.75 -8.40
N ARG A 67 14.97 -2.38 -9.41
CA ARG A 67 15.35 -2.91 -10.71
C ARG A 67 16.57 -2.18 -11.28
N HIS A 68 17.00 -1.09 -10.66
CA HIS A 68 18.06 -0.26 -11.22
C HIS A 68 19.27 -0.09 -10.31
N ILE A 69 19.11 -0.11 -8.99
CA ILE A 69 20.21 -0.01 -8.05
C ILE A 69 20.07 -1.12 -7.03
N ASP A 70 21.14 -1.90 -6.86
CA ASP A 70 21.09 -3.05 -5.97
C ASP A 70 21.49 -2.61 -4.56
N PHE A 71 20.60 -1.84 -3.95
CA PHE A 71 20.75 -1.52 -2.54
C PHE A 71 20.56 -2.78 -1.71
N LYS A 72 21.39 -2.92 -0.67
CA LYS A 72 21.29 -4.10 0.18
C LYS A 72 20.45 -3.86 1.42
N TYR A 73 20.36 -2.61 1.87
CA TYR A 73 19.70 -2.32 3.15
C TYR A 73 18.80 -1.10 3.01
N LEU A 74 17.77 -1.08 3.83
CA LEU A 74 16.74 -0.06 3.79
C LEU A 74 16.58 0.50 5.19
N ARG A 75 16.65 1.82 5.33
CA ARG A 75 16.74 2.44 6.63
C ARG A 75 15.58 3.41 6.82
N ALA A 76 14.86 3.27 7.92
CA ALA A 76 13.62 4.02 8.08
C ALA A 76 13.32 4.20 9.56
N HIS A 77 12.74 5.36 9.88
CA HIS A 77 12.22 5.59 11.22
C HIS A 77 10.99 4.71 11.50
N GLY A 78 10.68 4.54 12.78
CA GLY A 78 9.32 4.26 13.18
C GLY A 78 8.91 2.81 13.22
N LEU A 79 9.86 1.89 13.40
CA LEU A 79 9.56 0.48 13.56
C LEU A 79 8.55 0.26 14.68
N LEU A 80 8.68 1.01 15.78
CA LEU A 80 7.79 0.88 16.93
C LEU A 80 6.75 1.98 17.01
N HIS A 81 6.50 2.70 15.92
CA HIS A 81 5.37 3.62 15.98
C HIS A 81 4.07 2.83 16.14
N ASP A 82 2.99 3.54 16.46
CA ASP A 82 1.75 2.84 16.73
C ASP A 82 0.89 2.63 15.50
N ASP A 83 1.35 3.08 14.32
CA ASP A 83 0.67 2.71 13.08
C ASP A 83 1.08 1.29 12.65
N VAL A 84 2.36 0.92 12.80
CA VAL A 84 2.72 -0.48 12.62
C VAL A 84 2.14 -1.31 13.76
N GLY A 85 1.80 -0.67 14.87
CA GLY A 85 1.00 -1.28 15.93
C GLY A 85 1.59 -2.50 16.61
N ILE A 86 2.89 -2.49 16.91
CA ILE A 86 3.49 -3.65 17.56
C ILE A 86 3.10 -3.72 19.02
N TYR A 87 3.29 -2.63 19.77
CA TYR A 87 3.10 -2.68 21.22
C TYR A 87 1.69 -2.24 21.58
N ARG A 88 0.96 -3.13 22.25
CA ARG A 88 -0.36 -2.82 22.76
C ARG A 88 -0.53 -3.51 24.11
N GLU A 89 -1.60 -3.15 24.82
CA GLU A 89 -1.81 -3.61 26.18
C GLU A 89 -3.19 -4.21 26.31
N ASP A 90 -3.26 -5.38 26.93
CA ASP A 90 -4.50 -6.06 27.24
C ASP A 90 -4.73 -5.99 28.76
N ILE A 91 -6.00 -5.90 29.15
CA ILE A 91 -6.38 -5.55 30.54
C ILE A 91 -7.13 -6.74 31.14
N VAL A 92 -6.39 -7.66 31.73
CA VAL A 92 -6.94 -8.81 32.46
C VAL A 92 -7.12 -8.43 33.93
N ASP A 93 -8.37 -8.50 34.41
CA ASP A 93 -8.73 -8.11 35.78
C ASP A 93 -8.35 -6.65 36.04
N GLY A 94 -7.35 -6.43 36.88
CA GLY A 94 -6.83 -5.10 37.10
C GLY A 94 -5.44 -4.93 36.54
N LYS A 95 -4.77 -6.06 36.29
CA LYS A 95 -3.44 -6.05 35.69
C LYS A 95 -3.53 -5.78 34.19
N THR A 96 -2.54 -5.05 33.68
CA THR A 96 -2.37 -4.89 32.24
C THR A 96 -1.25 -5.81 31.78
N ILE A 97 -1.41 -6.36 30.57
CA ILE A 97 -0.47 -7.35 30.03
C ILE A 97 0.03 -6.85 28.68
N PRO A 98 1.30 -7.07 28.35
CA PRO A 98 1.77 -6.72 27.01
C PRO A 98 1.19 -7.65 25.95
N PHE A 99 0.94 -7.08 24.77
CA PHE A 99 0.65 -7.85 23.56
C PHE A 99 1.51 -7.34 22.41
N TYR A 100 2.14 -8.26 21.71
CA TYR A 100 3.08 -7.93 20.64
C TYR A 100 2.42 -8.33 19.33
N ASN A 101 1.92 -7.32 18.60
CA ASN A 101 1.24 -7.56 17.33
C ASN A 101 2.21 -7.43 16.16
N PHE A 102 2.45 -8.53 15.48
CA PHE A 102 3.38 -8.57 14.37
C PHE A 102 2.70 -8.61 13.01
N THR A 103 1.38 -8.36 12.95
CA THR A 103 0.69 -8.43 11.68
C THR A 103 1.32 -7.51 10.63
N TYR A 104 1.49 -6.23 10.96
CA TYR A 104 2.03 -5.27 9.98
C TYR A 104 3.53 -5.48 9.75
N ILE A 105 4.32 -5.58 10.82
CA ILE A 105 5.76 -5.70 10.61
C ILE A 105 6.08 -6.98 9.86
N ASP A 106 5.24 -8.01 9.98
CA ASP A 106 5.51 -9.21 9.20
C ASP A 106 5.30 -8.95 7.72
N ARG A 107 4.21 -8.27 7.37
CA ARG A 107 3.98 -7.92 5.97
C ARG A 107 5.11 -7.05 5.43
N ILE A 108 5.51 -6.04 6.20
CA ILE A 108 6.51 -5.12 5.72
C ILE A 108 7.84 -5.84 5.47
N TYR A 109 8.34 -6.58 6.46
CA TYR A 109 9.66 -7.18 6.26
C TYR A 109 9.61 -8.33 5.29
N ASP A 110 8.48 -9.02 5.21
CA ASP A 110 8.24 -9.95 4.12
C ASP A 110 8.37 -9.24 2.77
N SER A 111 7.75 -8.07 2.63
CA SER A 111 7.84 -7.35 1.37
C SER A 111 9.29 -7.05 1.03
N PHE A 112 10.06 -6.55 2.01
CA PHE A 112 11.45 -6.23 1.72
C PHE A 112 12.20 -7.45 1.18
N LEU A 113 12.16 -8.55 1.92
CA LEU A 113 12.98 -9.70 1.52
C LEU A 113 12.56 -10.26 0.18
N GLU A 114 11.28 -10.13 -0.17
CA GLU A 114 10.82 -10.56 -1.49
C GLU A 114 11.48 -9.73 -2.56
N ILE A 115 11.62 -8.43 -2.32
CA ILE A 115 12.26 -7.53 -3.25
C ILE A 115 13.78 -7.73 -3.25
N GLY A 116 14.35 -8.19 -2.15
CA GLY A 116 15.77 -8.34 -2.06
C GLY A 116 16.48 -7.24 -1.32
N ILE A 117 15.87 -6.64 -0.31
CA ILE A 117 16.51 -5.65 0.52
C ILE A 117 16.21 -5.98 1.99
N ARG A 118 17.25 -5.99 2.83
CA ARG A 118 17.10 -6.22 4.25
C ARG A 118 16.85 -4.90 4.97
N PRO A 119 16.26 -4.94 6.16
CA PRO A 119 16.15 -3.70 6.94
C PRO A 119 17.47 -3.39 7.64
N PHE A 120 17.90 -2.15 7.52
CA PHE A 120 18.79 -1.57 8.51
C PHE A 120 17.83 -1.10 9.60
N VAL A 121 17.77 -1.84 10.69
CA VAL A 121 16.71 -1.65 11.67
C VAL A 121 17.07 -0.46 12.56
N GLU A 122 16.12 0.46 12.73
CA GLU A 122 16.30 1.62 13.60
C GLU A 122 15.31 1.53 14.75
N ILE A 123 15.79 1.26 15.95
CA ILE A 123 14.89 1.06 17.07
C ILE A 123 14.29 2.40 17.49
N GLY A 124 13.02 2.62 17.21
CA GLY A 124 12.33 3.80 17.65
C GLY A 124 11.06 3.99 16.84
N PHE A 125 10.28 4.99 17.22
CA PHE A 125 10.53 5.78 18.43
C PHE A 125 9.82 5.12 19.61
N MET A 126 9.09 5.87 20.41
CA MET A 126 8.53 5.21 21.58
C MET A 126 7.04 5.01 21.46
N PRO A 127 6.57 3.78 21.66
CA PRO A 127 5.13 3.51 21.62
C PRO A 127 4.39 4.29 22.71
N SER A 128 3.23 4.83 22.30
CA SER A 128 2.47 5.74 23.16
C SER A 128 2.23 5.15 24.55
N LYS A 129 2.02 3.83 24.65
CA LYS A 129 1.67 3.24 25.93
C LYS A 129 2.88 2.79 26.74
N LEU A 130 4.09 3.10 26.29
CA LEU A 130 5.26 2.98 27.13
C LEU A 130 5.83 4.33 27.54
N ALA A 131 5.32 5.43 26.96
CA ALA A 131 5.94 6.74 27.03
C ALA A 131 6.03 7.26 28.46
N SER A 132 6.97 8.20 28.66
CA SER A 132 7.07 8.95 29.90
C SER A 132 6.53 10.36 29.79
N GLY A 133 6.40 10.90 28.57
CA GLY A 133 5.86 12.22 28.37
C GLY A 133 4.97 12.27 27.15
N ASP A 134 4.56 13.48 26.76
CA ASP A 134 3.69 13.72 25.61
C ASP A 134 4.42 14.38 24.42
N GLN A 135 5.73 14.58 24.49
CA GLN A 135 6.48 15.20 23.40
C GLN A 135 6.55 14.26 22.19
N THR A 136 6.20 14.80 21.02
CA THR A 136 6.21 14.01 19.78
C THR A 136 6.80 14.85 18.66
N VAL A 137 7.56 14.19 17.78
CA VAL A 137 8.12 14.77 16.56
C VAL A 137 7.26 14.41 15.37
N PHE A 138 7.16 15.32 14.41
CA PHE A 138 6.66 15.07 13.05
C PHE A 138 5.16 15.14 12.95
N TYR A 139 4.68 15.16 11.71
CA TYR A 139 3.25 15.08 11.43
C TYR A 139 2.63 13.83 12.05
N TRP A 140 3.32 12.71 12.00
CA TRP A 140 2.76 11.48 12.54
C TRP A 140 3.13 11.24 14.01
N ARG A 141 3.61 12.28 14.69
CA ARG A 141 3.72 12.35 16.16
C ARG A 141 4.32 11.08 16.76
N GLY A 142 5.58 10.82 16.43
CA GLY A 142 6.33 9.79 17.12
C GLY A 142 6.78 10.29 18.48
N ASN A 143 6.46 9.52 19.51
CA ASN A 143 6.81 9.93 20.87
C ASN A 143 8.32 9.77 21.08
N VAL A 144 8.94 10.79 21.67
CA VAL A 144 10.39 10.79 21.83
C VAL A 144 10.76 10.94 23.29
N THR A 145 9.90 10.51 24.17
CA THR A 145 10.33 10.46 25.55
C THR A 145 10.87 9.07 25.88
N PRO A 146 11.66 8.91 26.93
CA PRO A 146 12.16 7.57 27.29
C PRO A 146 11.02 6.71 27.82
N PRO A 147 11.23 5.40 27.95
CA PRO A 147 10.16 4.55 28.49
C PRO A 147 9.95 4.81 29.97
N LYS A 148 8.69 4.81 30.40
CA LYS A 148 8.47 4.93 31.83
C LYS A 148 8.86 3.67 32.62
N ASP A 149 9.32 2.59 31.96
CA ASP A 149 9.74 1.38 32.69
C ASP A 149 10.68 0.57 31.79
N TYR A 150 11.97 0.66 32.05
CA TYR A 150 12.96 -0.01 31.21
C TYR A 150 12.86 -1.52 31.23
N LYS A 151 12.27 -2.12 32.28
CA LYS A 151 12.04 -3.55 32.19
C LYS A 151 10.86 -3.90 31.29
N GLU A 152 9.89 -2.99 31.16
CA GLU A 152 8.88 -3.10 30.11
C GLU A 152 9.52 -2.94 28.74
N TRP A 153 10.38 -1.93 28.61
CA TRP A 153 11.09 -1.69 27.37
C TRP A 153 11.90 -2.91 26.96
N GLU A 154 12.71 -3.43 27.88
CA GLU A 154 13.51 -4.61 27.58
C GLU A 154 12.62 -5.79 27.19
N LYS A 155 11.48 -5.96 27.88
CA LYS A 155 10.54 -7.00 27.50
C LYS A 155 10.07 -6.84 26.05
N LEU A 156 9.81 -5.59 25.61
CA LEU A 156 9.34 -5.39 24.24
C LEU A 156 10.44 -5.67 23.22
N ILE A 157 11.67 -5.20 23.47
CA ILE A 157 12.73 -5.44 22.50
C ILE A 157 12.95 -6.93 22.33
N LYS A 158 13.06 -7.65 23.46
CA LYS A 158 13.32 -9.09 23.41
C LYS A 158 12.27 -9.79 22.54
N ASN A 159 10.99 -9.56 22.81
CA ASN A 159 9.98 -10.29 22.07
C ASN A 159 10.08 -9.99 20.59
N VAL A 160 10.24 -8.71 20.23
CA VAL A 160 10.43 -8.35 18.83
C VAL A 160 11.60 -9.12 18.24
N VAL A 161 12.74 -9.13 18.92
CA VAL A 161 13.93 -9.73 18.34
C VAL A 161 13.74 -11.24 18.14
N LYS A 162 13.21 -11.96 19.14
CA LYS A 162 13.07 -13.40 18.95
C LYS A 162 11.96 -13.71 17.96
N HIS A 163 10.90 -12.90 17.95
CA HIS A 163 9.90 -13.08 16.90
C HIS A 163 10.54 -13.01 15.52
N PHE A 164 11.49 -12.09 15.34
CA PHE A 164 12.16 -12.02 14.04
C PHE A 164 12.91 -13.30 13.79
N ILE A 165 13.62 -13.79 14.80
CA ILE A 165 14.39 -15.02 14.65
C ILE A 165 13.47 -16.18 14.29
N ASP A 166 12.35 -16.30 14.98
CA ASP A 166 11.38 -17.35 14.67
C ASP A 166 10.86 -17.26 13.23
N ARG A 167 10.34 -16.09 12.86
CA ARG A 167 9.77 -15.96 11.51
C ARG A 167 10.84 -16.14 10.44
N TYR A 168 11.99 -15.45 10.58
CA TYR A 168 12.92 -15.33 9.45
C TYR A 168 14.14 -16.22 9.53
N GLY A 169 14.47 -16.74 10.71
CA GLY A 169 15.63 -17.60 10.79
C GLY A 169 16.86 -16.84 11.25
N GLU A 170 17.66 -17.49 12.07
CA GLU A 170 18.82 -16.83 12.65
C GLU A 170 19.84 -16.44 11.57
N LYS A 171 20.12 -17.33 10.62
CA LYS A 171 21.09 -17.02 9.58
C LYS A 171 20.78 -15.72 8.86
N GLU A 172 19.51 -15.31 8.84
CA GLU A 172 19.10 -14.11 8.13
C GLU A 172 19.06 -12.90 9.04
N VAL A 173 18.49 -13.06 10.23
CA VAL A 173 18.35 -11.89 11.09
C VAL A 173 19.72 -11.40 11.55
N THR A 174 20.71 -12.29 11.67
CA THR A 174 22.06 -11.87 12.06
C THR A 174 22.70 -10.98 11.01
N GLN A 175 22.19 -10.98 9.79
CA GLN A 175 22.58 -9.99 8.79
C GLN A 175 21.78 -8.70 8.91
N TRP A 176 20.93 -8.54 9.93
CA TRP A 176 20.30 -7.23 10.02
C TRP A 176 21.00 -6.41 11.09
N PRO A 177 21.46 -5.20 10.80
CA PRO A 177 22.03 -4.35 11.84
C PRO A 177 20.94 -3.58 12.56
N PHE A 178 21.20 -3.24 13.81
CA PHE A 178 20.26 -2.48 14.65
C PHE A 178 20.98 -1.25 15.15
N GLU A 179 20.45 -0.08 14.85
CA GLU A 179 20.91 1.19 15.39
C GLU A 179 19.86 1.68 16.39
N ILE A 180 20.33 2.23 17.51
CA ILE A 180 19.47 2.52 18.65
C ILE A 180 19.08 4.00 18.60
N TRP A 181 17.81 4.26 18.28
CA TRP A 181 17.21 5.60 18.22
C TRP A 181 17.69 6.39 17.01
N ASN A 182 17.33 7.67 16.99
CA ASN A 182 17.66 8.56 15.87
C ASN A 182 17.89 9.95 16.42
N GLU A 183 19.08 10.50 16.14
CA GLU A 183 19.46 11.87 16.51
C GLU A 183 19.12 12.25 17.95
N PRO A 184 19.65 11.51 18.93
CA PRO A 184 19.38 11.86 20.34
C PRO A 184 20.05 13.15 20.78
N ASN A 185 21.01 13.65 20.00
CA ASN A 185 21.66 14.91 20.36
C ASN A 185 20.75 16.12 20.19
N LEU A 186 19.57 15.95 19.57
CA LEU A 186 18.59 17.03 19.39
C LEU A 186 17.41 16.84 20.32
N THR A 187 16.94 17.94 20.90
CA THR A 187 15.82 17.85 21.86
C THR A 187 14.51 17.55 21.15
N VAL A 188 14.40 17.85 19.86
CA VAL A 188 13.16 17.57 19.13
C VAL A 188 13.13 16.09 18.75
N PHE A 189 14.19 15.34 19.08
CA PHE A 189 14.25 13.90 18.83
C PHE A 189 14.49 13.04 20.08
N TRP A 190 14.58 13.63 21.27
CA TRP A 190 14.88 12.90 22.49
C TRP A 190 14.78 13.85 23.67
N LYS A 191 13.80 13.66 24.55
CA LYS A 191 13.49 14.57 25.64
C LYS A 191 14.77 15.16 26.23
N ASP A 192 14.90 16.48 26.15
CA ASP A 192 15.99 17.25 26.75
C ASP A 192 17.36 16.88 26.17
N ALA A 193 17.42 16.27 24.99
CA ALA A 193 18.68 15.82 24.39
C ALA A 193 19.56 15.08 25.42
N ASN A 194 18.91 14.46 26.40
CA ASN A 194 19.59 13.95 27.57
C ASN A 194 20.58 12.86 27.19
N GLN A 195 21.85 13.07 27.53
CA GLN A 195 22.93 12.18 27.09
C GLN A 195 23.15 11.03 28.04
N ALA A 196 22.97 11.29 29.34
CA ALA A 196 22.97 10.19 30.31
C ALA A 196 21.82 9.23 30.01
N GLU A 197 20.64 9.76 29.69
CA GLU A 197 19.50 8.90 29.43
C GLU A 197 19.70 8.09 28.15
N TYR A 198 20.13 8.74 27.06
CA TYR A 198 20.36 7.98 25.84
C TYR A 198 21.29 6.79 26.07
N PHE A 199 22.39 6.99 26.80
CA PHE A 199 23.31 5.89 27.04
C PHE A 199 22.64 4.78 27.83
N LYS A 200 21.81 5.14 28.81
CA LYS A 200 21.05 4.11 29.53
C LYS A 200 20.08 3.40 28.58
N LEU A 201 19.41 4.17 27.71
CA LEU A 201 18.55 3.54 26.71
C LEU A 201 19.36 2.62 25.82
N TYR A 202 20.50 3.10 25.34
CA TYR A 202 21.30 2.25 24.47
C TYR A 202 21.66 0.96 25.19
N GLU A 203 22.10 1.06 26.45
CA GLU A 203 22.57 -0.12 27.16
C GLU A 203 21.45 -1.15 27.34
N VAL A 204 20.29 -0.71 27.85
CA VAL A 204 19.16 -1.61 28.04
C VAL A 204 18.79 -2.29 26.73
N THR A 205 18.75 -1.53 25.64
CA THR A 205 18.33 -2.08 24.37
C THR A 205 19.33 -3.09 23.83
N VAL A 206 20.61 -2.72 23.78
CA VAL A 206 21.54 -3.62 23.11
C VAL A 206 21.77 -4.88 23.93
N LYS A 207 21.66 -4.80 25.25
CA LYS A 207 21.81 -6.04 25.99
C LYS A 207 20.60 -6.96 25.83
N ALA A 208 19.41 -6.37 25.73
CA ALA A 208 18.24 -7.15 25.34
C ALA A 208 18.49 -7.87 24.01
N ILE A 209 18.89 -7.11 22.98
CA ILE A 209 19.18 -7.70 21.66
C ILE A 209 20.20 -8.84 21.79
N LYS A 210 21.35 -8.53 22.37
CA LYS A 210 22.41 -9.54 22.43
C LYS A 210 22.03 -10.71 23.34
N GLU A 211 21.09 -10.51 24.26
CA GLU A 211 20.56 -11.64 25.02
C GLU A 211 19.92 -12.66 24.09
N VAL A 212 19.10 -12.17 23.15
CA VAL A 212 18.36 -13.05 22.25
C VAL A 212 19.32 -13.72 21.27
N ASN A 213 20.21 -12.95 20.65
CA ASN A 213 21.25 -13.56 19.80
C ASN A 213 22.43 -12.60 19.72
N GLU A 214 23.57 -13.02 20.22
CA GLU A 214 24.68 -12.08 20.34
C GLU A 214 25.49 -11.93 19.04
N ASN A 215 25.13 -12.63 17.98
CA ASN A 215 25.66 -12.34 16.65
C ASN A 215 24.92 -11.20 15.96
N ILE A 216 23.84 -10.67 16.54
CA ILE A 216 23.16 -9.53 15.95
C ILE A 216 24.01 -8.29 16.20
N LYS A 217 24.27 -7.53 15.13
CA LYS A 217 25.20 -6.39 15.16
C LYS A 217 24.47 -5.12 15.59
N VAL A 218 25.00 -4.40 16.58
CA VAL A 218 24.31 -3.23 17.09
C VAL A 218 25.23 -2.01 17.01
N GLY A 219 24.62 -0.83 17.02
CA GLY A 219 25.42 0.38 16.95
C GLY A 219 24.60 1.64 17.15
N GLY A 220 25.29 2.78 16.99
CA GLY A 220 24.73 4.10 17.23
C GLY A 220 25.81 5.17 17.16
N PRO A 221 25.56 6.33 17.78
CA PRO A 221 24.35 6.84 18.41
C PRO A 221 23.48 7.64 17.47
N ALA A 222 23.71 7.52 16.16
CA ALA A 222 22.80 8.09 15.17
C ALA A 222 22.61 9.60 15.35
N ILE A 223 23.69 10.29 15.74
CA ILE A 223 23.63 11.73 16.00
C ILE A 223 23.52 12.53 14.71
N CYS A 224 22.83 13.66 14.81
CA CYS A 224 23.01 14.69 13.81
C CYS A 224 24.41 15.27 13.83
N GLY A 225 24.75 15.98 12.76
CA GLY A 225 25.95 16.77 12.77
C GLY A 225 25.88 17.91 13.78
N GLY A 226 27.04 18.35 14.24
CA GLY A 226 27.15 19.49 15.13
C GLY A 226 27.55 19.14 16.54
N SER A 227 27.31 17.91 16.98
CA SER A 227 27.63 17.55 18.35
C SER A 227 28.58 16.36 18.40
N ASP A 228 29.58 16.36 17.53
CA ASP A 228 30.44 15.19 17.35
C ASP A 228 31.12 14.73 18.63
N TYR A 229 31.06 15.51 19.71
CA TYR A 229 31.61 15.02 20.97
C TYR A 229 30.82 13.81 21.47
N TRP A 230 29.53 13.73 21.13
CA TRP A 230 28.71 12.57 21.50
C TRP A 230 29.36 11.27 21.09
N ILE A 231 30.03 11.26 19.94
CA ILE A 231 30.79 10.07 19.55
C ILE A 231 31.74 9.66 20.65
N THR A 232 32.66 10.56 21.02
CA THR A 232 33.70 10.20 21.98
C THR A 232 33.09 9.75 23.31
N ASP A 233 32.12 10.53 23.82
CA ASP A 233 31.42 10.12 25.03
C ASP A 233 30.77 8.75 24.85
N PHE A 234 30.07 8.55 23.72
CA PHE A 234 29.40 7.29 23.45
C PHE A 234 30.39 6.14 23.42
N LEU A 235 31.43 6.25 22.60
CA LEU A 235 32.39 5.15 22.49
C LEU A 235 33.13 4.90 23.80
N ASN A 236 33.36 5.97 24.59
CA ASN A 236 34.04 5.79 25.87
C ASN A 236 33.13 5.06 26.84
N PHE A 237 31.86 5.46 26.87
CA PHE A 237 30.87 4.82 27.72
C PHE A 237 30.84 3.30 27.52
N CYS A 238 30.90 2.86 26.26
CA CYS A 238 30.84 1.44 25.96
C CYS A 238 32.09 0.71 26.40
N TYR A 239 33.28 1.24 26.07
CA TYR A 239 34.53 0.62 26.51
C TYR A 239 34.57 0.52 28.02
N LYS A 240 34.24 1.62 28.71
CA LYS A 240 34.27 1.63 30.16
C LYS A 240 33.41 0.51 30.74
N ASN A 241 32.13 0.48 30.35
CA ASN A 241 31.15 -0.36 31.04
C ASN A 241 30.84 -1.68 30.32
N ASN A 242 31.67 -2.09 29.38
CA ASN A 242 31.48 -3.36 28.68
C ASN A 242 30.10 -3.43 28.04
N VAL A 243 29.77 -2.40 27.27
CA VAL A 243 28.51 -2.30 26.56
C VAL A 243 28.79 -2.55 25.08
N PRO A 244 28.12 -3.51 24.45
CA PRO A 244 28.44 -3.82 23.06
C PRO A 244 28.09 -2.65 22.14
N VAL A 245 28.96 -2.49 21.14
CA VAL A 245 28.76 -1.59 20.01
C VAL A 245 29.53 -2.22 18.87
N ASP A 246 28.87 -2.44 17.74
CA ASP A 246 29.53 -3.12 16.63
C ASP A 246 29.82 -2.22 15.46
N PHE A 247 29.31 -0.99 15.48
CA PHE A 247 29.43 -0.05 14.37
C PHE A 247 28.94 1.29 14.87
N LEU A 248 29.35 2.35 14.15
CA LEU A 248 28.96 3.71 14.49
C LEU A 248 28.00 4.26 13.44
N THR A 249 27.08 5.12 13.86
CA THR A 249 26.24 5.82 12.92
C THR A 249 26.18 7.29 13.26
N ARG A 250 25.87 8.07 12.23
CA ARG A 250 25.74 9.53 12.28
C ARG A 250 25.01 9.95 11.02
N HIS A 251 24.46 11.16 11.02
CA HIS A 251 23.91 11.77 9.82
C HIS A 251 24.77 12.96 9.37
N ALA A 252 24.43 13.52 8.19
CA ALA A 252 25.32 14.47 7.55
C ALA A 252 24.52 15.21 6.47
N TYR A 253 24.00 16.37 6.82
CA TYR A 253 23.43 17.26 5.82
C TYR A 253 24.32 18.50 5.67
N THR A 254 24.05 19.26 4.62
CA THR A 254 24.83 20.46 4.33
C THR A 254 23.97 21.70 4.27
N GLY A 255 22.74 21.65 4.78
CA GLY A 255 21.83 22.77 4.67
C GLY A 255 22.11 23.79 5.74
N LYS A 256 22.17 25.06 5.33
CA LYS A 256 22.31 26.21 6.21
C LYS A 256 20.96 26.63 6.74
N PRO A 257 20.91 27.46 7.78
CA PRO A 257 19.63 27.79 8.42
C PRO A 257 18.55 28.15 7.41
N PRO A 258 17.34 27.64 7.60
CA PRO A 258 16.31 27.75 6.57
C PRO A 258 15.34 28.89 6.82
N ILE A 259 14.61 29.26 5.78
CA ILE A 259 13.45 30.11 5.91
C ILE A 259 12.22 29.25 5.61
N TYR A 260 11.12 29.54 6.28
CA TYR A 260 9.96 28.69 6.12
C TYR A 260 8.89 29.42 5.32
N THR A 261 7.73 28.81 5.24
CA THR A 261 6.67 29.12 4.29
C THR A 261 5.62 28.07 4.62
N PRO A 262 4.36 28.40 4.55
CA PRO A 262 3.35 27.33 4.63
C PRO A 262 3.57 26.22 3.61
N HIS A 263 4.15 26.51 2.45
CA HIS A 263 4.30 25.50 1.40
C HIS A 263 5.72 25.05 1.13
N PHE A 264 6.74 25.80 1.57
CA PHE A 264 8.13 25.46 1.23
C PHE A 264 9.04 25.72 2.41
N VAL A 265 10.14 24.98 2.43
CA VAL A 265 11.29 25.30 3.25
C VAL A 265 12.45 25.57 2.30
N TYR A 266 13.05 26.75 2.41
CA TYR A 266 14.10 27.16 1.49
C TYR A 266 15.42 27.25 2.24
N GLN A 267 16.48 26.81 1.58
CA GLN A 267 17.74 26.54 2.26
C GLN A 267 18.91 26.71 1.31
N ASP A 268 20.01 27.23 1.83
CA ASP A 268 21.28 27.21 1.15
C ASP A 268 22.10 26.05 1.72
N VAL A 269 23.15 25.68 0.99
CA VAL A 269 23.97 24.52 1.33
C VAL A 269 25.45 24.86 1.22
N HIS A 270 26.23 24.40 2.20
CA HIS A 270 27.70 24.42 2.15
C HIS A 270 28.17 23.75 0.87
N PRO A 271 29.42 23.94 0.44
CA PRO A 271 29.92 23.18 -0.71
C PRO A 271 30.04 21.71 -0.34
N ILE A 272 30.00 20.84 -1.36
CA ILE A 272 29.91 19.40 -1.05
C ILE A 272 31.11 18.94 -0.26
N GLU A 273 32.27 19.57 -0.46
CA GLU A 273 33.46 19.36 0.35
C GLU A 273 33.11 19.24 1.82
N TYR A 274 32.16 20.06 2.30
CA TYR A 274 31.88 20.12 3.73
C TYR A 274 31.47 18.76 4.28
N MET A 275 30.63 18.03 3.55
CA MET A 275 30.16 16.73 4.02
C MET A 275 31.29 15.72 4.03
N LEU A 276 32.00 15.58 2.90
CA LEU A 276 33.15 14.69 2.83
C LEU A 276 34.12 14.95 3.94
N ASN A 277 34.34 16.20 4.27
CA ASN A 277 35.17 16.54 5.41
C ASN A 277 34.65 15.91 6.70
N GLU A 278 33.32 15.90 6.87
CA GLU A 278 32.74 15.29 8.06
C GLU A 278 33.02 13.80 8.10
N PHE A 279 32.93 13.12 6.95
CA PHE A 279 33.24 11.70 6.92
C PHE A 279 34.64 11.47 7.43
N LYS A 280 35.62 12.14 6.81
CA LYS A 280 37.01 11.90 7.20
C LYS A 280 37.21 12.19 8.67
N THR A 281 36.60 13.28 9.16
CA THR A 281 36.70 13.66 10.57
C THR A 281 36.22 12.54 11.49
N VAL A 282 35.03 11.99 11.23
CA VAL A 282 34.51 10.99 12.16
C VAL A 282 35.26 9.67 12.01
N ARG A 283 35.73 9.36 10.81
CA ARG A 283 36.63 8.21 10.66
C ARG A 283 37.84 8.35 11.59
N GLU A 284 38.52 9.51 11.57
CA GLU A 284 39.66 9.64 12.47
C GLU A 284 39.21 9.69 13.93
N MET A 285 38.00 10.17 14.22
CA MET A 285 37.52 10.12 15.60
C MET A 285 37.50 8.69 16.12
N VAL A 286 37.01 7.74 15.33
CA VAL A 286 36.99 6.37 15.85
C VAL A 286 38.37 5.74 15.79
N LYS A 287 39.31 6.31 15.03
CA LYS A 287 40.65 5.75 15.04
C LYS A 287 41.34 6.04 16.37
N ASN A 288 40.94 7.12 17.05
CA ASN A 288 41.39 7.41 18.40
C ASN A 288 40.37 6.96 19.45
N SER A 289 39.46 6.07 19.09
CA SER A 289 38.59 5.39 20.02
C SER A 289 39.30 4.18 20.59
N PRO A 290 38.73 3.58 21.64
CA PRO A 290 39.15 2.22 22.03
C PRO A 290 38.73 1.13 21.05
N PHE A 291 37.81 1.43 20.11
CA PHE A 291 37.41 0.50 19.05
C PHE A 291 37.88 1.06 17.71
N PRO A 292 39.17 0.99 17.41
CA PRO A 292 39.68 1.70 16.22
C PRO A 292 39.16 1.17 14.88
N ASN A 293 38.28 0.16 14.86
CA ASN A 293 37.78 -0.36 13.60
C ASN A 293 36.27 -0.38 13.52
N LEU A 294 35.60 0.41 14.30
CA LEU A 294 34.16 0.44 14.17
C LEU A 294 33.82 0.78 12.72
N PRO A 295 33.13 -0.10 12.01
CA PRO A 295 32.48 0.34 10.78
C PRO A 295 31.64 1.57 11.08
N ILE A 296 31.64 2.50 10.12
CA ILE A 296 30.79 3.68 10.21
C ILE A 296 29.72 3.59 9.14
N HIS A 297 28.48 3.81 9.55
CA HIS A 297 27.35 3.86 8.63
C HIS A 297 26.74 5.24 8.78
N ILE A 298 26.84 6.04 7.72
CA ILE A 298 26.19 7.33 7.69
C ILE A 298 24.74 7.06 7.30
N THR A 299 23.89 6.87 8.32
CA THR A 299 22.56 6.35 8.12
C THR A 299 21.60 7.37 7.49
N GLU A 300 22.04 8.60 7.28
CA GLU A 300 21.25 9.59 6.56
C GLU A 300 22.18 10.59 5.90
N PHE A 301 21.98 10.86 4.61
CA PHE A 301 22.67 11.99 4.04
C PHE A 301 21.86 12.55 2.88
N ASN A 302 21.91 13.87 2.75
CA ASN A 302 21.35 14.65 1.65
C ASN A 302 21.97 16.05 1.74
N SER A 303 21.65 16.90 0.78
CA SER A 303 22.04 18.31 0.89
C SER A 303 21.12 18.99 1.90
N SER A 304 19.98 19.49 1.44
CA SER A 304 18.98 20.00 2.37
C SER A 304 18.35 18.87 3.19
N TYR A 305 17.96 19.18 4.44
CA TYR A 305 17.39 18.21 5.35
C TYR A 305 15.89 18.41 5.58
N HIS A 306 15.18 18.99 4.61
CA HIS A 306 13.77 19.15 4.90
C HIS A 306 12.93 18.49 3.82
N PRO A 307 11.83 17.83 4.20
CA PRO A 307 11.04 17.05 3.23
C PRO A 307 10.28 17.89 2.23
N LEU A 308 10.42 19.23 2.30
CA LEU A 308 9.63 20.10 1.43
C LEU A 308 10.48 21.22 0.83
N CYS A 309 11.75 20.93 0.52
CA CYS A 309 12.74 21.91 0.03
C CYS A 309 13.06 21.63 -1.44
N PRO A 310 12.60 22.41 -2.41
CA PRO A 310 12.64 21.94 -3.82
C PRO A 310 14.04 21.60 -4.36
N ILE A 311 15.15 21.91 -3.66
CA ILE A 311 16.46 21.59 -4.24
C ILE A 311 16.56 20.10 -4.54
N HIS A 312 15.91 19.26 -3.74
CA HIS A 312 15.94 17.82 -3.97
C HIS A 312 15.45 17.45 -5.36
N ASP A 313 14.60 18.28 -5.95
CA ASP A 313 14.06 17.98 -7.27
C ASP A 313 15.02 18.37 -8.41
N THR A 314 16.22 18.92 -8.10
CA THR A 314 16.87 19.71 -9.16
C THR A 314 18.07 18.97 -9.76
N PRO A 315 18.42 19.26 -11.03
CA PRO A 315 19.69 18.76 -11.57
C PRO A 315 20.87 19.15 -10.71
N PHE A 316 20.80 20.32 -10.08
CA PHE A 316 21.82 20.71 -9.13
C PHE A 316 22.11 19.60 -8.14
N ASN A 317 21.05 19.05 -7.52
CA ASN A 317 21.28 18.14 -6.42
C ASN A 317 21.94 16.86 -6.87
N ALA A 318 21.67 16.41 -8.09
CA ALA A 318 22.43 15.29 -8.65
C ALA A 318 23.90 15.62 -8.71
N ALA A 319 24.25 16.73 -9.39
CA ALA A 319 25.65 17.08 -9.56
C ALA A 319 26.34 17.38 -8.22
N TYR A 320 25.61 17.93 -7.28
CA TYR A 320 26.21 18.32 -6.01
C TYR A 320 26.52 17.10 -5.15
N LEU A 321 25.66 16.09 -5.18
CA LEU A 321 25.86 14.87 -4.40
C LEU A 321 26.79 13.88 -5.08
N ALA A 322 26.96 13.99 -6.40
CA ALA A 322 27.73 13.02 -7.17
C ALA A 322 29.08 12.72 -6.51
N ARG A 323 29.80 13.76 -6.07
CA ARG A 323 31.12 13.49 -5.53
C ARG A 323 31.06 12.60 -4.29
N VAL A 324 29.97 12.67 -3.52
CA VAL A 324 29.83 11.84 -2.33
C VAL A 324 29.93 10.36 -2.69
N LEU A 325 29.23 9.95 -3.75
CA LEU A 325 29.31 8.58 -4.19
C LEU A 325 30.74 8.23 -4.59
N SER A 326 31.46 9.19 -5.18
CA SER A 326 32.76 8.92 -5.77
C SER A 326 33.82 8.70 -4.70
N GLU A 327 33.68 9.34 -3.54
CA GLU A 327 34.74 9.34 -2.56
C GLU A 327 34.31 9.01 -1.14
N GLY A 328 33.01 9.01 -0.85
CA GLY A 328 32.58 8.78 0.52
C GLY A 328 33.00 7.41 1.03
N GLY A 329 33.14 6.45 0.11
CA GLY A 329 33.53 5.11 0.51
C GLY A 329 34.96 4.97 0.98
N ASP A 330 35.73 6.04 0.94
CA ASP A 330 37.09 6.02 1.43
C ASP A 330 37.14 6.17 2.94
N TYR A 331 36.04 6.58 3.57
CA TYR A 331 36.10 6.99 4.97
C TYR A 331 35.07 6.20 5.78
N VAL A 332 33.95 5.87 5.15
CA VAL A 332 32.85 5.21 5.84
C VAL A 332 32.46 3.94 5.09
N ASP A 333 31.85 3.01 5.81
CA ASP A 333 31.44 1.74 5.22
C ASP A 333 30.10 1.85 4.51
N SER A 334 29.24 2.79 4.89
CA SER A 334 28.06 3.04 4.10
C SER A 334 27.61 4.48 4.32
N PHE A 335 26.84 4.96 3.36
CA PHE A 335 26.23 6.30 3.45
C PHE A 335 24.94 6.20 2.65
N SER A 336 23.80 6.22 3.32
CA SER A 336 22.53 5.91 2.69
C SER A 336 21.80 7.20 2.31
N TYR A 337 21.42 7.31 1.05
CA TYR A 337 20.70 8.49 0.59
C TYR A 337 19.27 8.49 1.13
N TRP A 338 18.92 9.58 1.81
CA TRP A 338 17.60 9.79 2.41
C TRP A 338 16.83 10.70 1.46
N THR A 339 15.94 10.14 0.63
CA THR A 339 15.41 8.77 0.71
C THR A 339 15.22 8.16 -0.69
N PHE A 340 14.76 6.92 -0.77
CA PHE A 340 14.55 6.35 -2.11
C PHE A 340 13.27 6.87 -2.80
N SER A 341 12.31 7.42 -2.06
CA SER A 341 11.07 7.77 -2.74
C SER A 341 10.41 8.94 -2.02
N ASP A 342 9.70 9.76 -2.80
CA ASP A 342 8.87 10.79 -2.17
C ASP A 342 7.73 10.24 -1.30
N VAL A 343 7.49 8.92 -1.31
CA VAL A 343 6.57 8.33 -0.34
C VAL A 343 7.07 8.66 1.05
N PHE A 344 6.45 9.67 1.67
CA PHE A 344 6.98 10.31 2.86
C PHE A 344 5.86 11.08 3.51
N GLU A 345 5.99 11.30 4.85
CA GLU A 345 4.89 11.93 5.57
C GLU A 345 5.31 12.75 6.79
N GLU A 346 6.60 12.97 7.04
CA GLU A 346 7.02 13.76 8.18
C GLU A 346 6.52 15.19 8.14
N ALA A 347 6.20 15.71 6.96
CA ALA A 347 5.66 17.05 6.89
C ALA A 347 4.31 17.05 6.19
N ASP A 348 3.46 16.09 6.58
CA ASP A 348 2.10 15.98 6.07
C ASP A 348 2.12 15.46 4.63
N VAL A 349 0.96 15.20 4.07
CA VAL A 349 0.90 14.56 2.76
C VAL A 349 1.39 15.57 1.74
N PRO A 350 2.40 15.23 0.95
CA PRO A 350 2.82 16.08 -0.17
C PRO A 350 1.65 16.69 -0.93
N ARG A 351 1.78 17.98 -1.25
CA ARG A 351 0.69 18.75 -1.85
C ARG A 351 0.86 18.96 -3.35
N SER A 352 1.93 18.43 -3.94
CA SER A 352 2.25 18.64 -5.35
C SER A 352 3.20 17.54 -5.81
N LEU A 353 3.09 17.18 -7.09
CA LEU A 353 3.99 16.17 -7.65
C LEU A 353 5.45 16.45 -7.31
N PHE A 354 5.94 17.64 -7.64
CA PHE A 354 7.26 18.06 -7.20
C PHE A 354 7.08 19.02 -6.03
N HIS A 355 7.77 18.73 -4.93
CA HIS A 355 7.45 19.41 -3.69
C HIS A 355 8.64 19.57 -2.75
N GLY A 356 9.84 19.17 -3.15
CA GLY A 356 10.98 19.18 -2.28
C GLY A 356 11.28 17.89 -1.57
N GLY A 357 10.52 16.83 -1.84
CA GLY A 357 10.69 15.59 -1.10
C GLY A 357 12.07 15.01 -1.31
N PHE A 358 12.50 14.22 -0.32
CA PHE A 358 13.83 13.63 -0.26
C PHE A 358 14.09 12.55 -1.31
N GLY A 359 13.08 12.09 -2.04
CA GLY A 359 13.23 10.83 -2.75
C GLY A 359 14.01 10.92 -4.04
N LEU A 360 14.71 9.82 -4.36
CA LEU A 360 15.26 9.64 -5.69
C LEU A 360 14.18 9.60 -6.74
N VAL A 361 12.98 9.16 -6.37
CA VAL A 361 11.89 8.93 -7.30
C VAL A 361 10.66 9.69 -6.82
N ALA A 362 10.12 10.56 -7.67
CA ALA A 362 8.86 11.22 -7.36
C ALA A 362 7.72 10.25 -7.64
N PHE A 363 6.53 10.56 -7.09
CA PHE A 363 5.35 9.68 -7.30
C PHE A 363 5.19 9.31 -8.77
N HIS A 364 4.46 8.23 -9.01
CA HIS A 364 4.31 7.59 -10.31
C HIS A 364 5.63 7.04 -10.84
N ASN A 365 6.61 6.80 -9.98
CA ASN A 365 7.87 6.22 -10.44
C ASN A 365 8.53 7.10 -11.50
N ILE A 366 8.54 8.40 -11.22
CA ILE A 366 9.21 9.39 -12.07
C ILE A 366 10.57 9.65 -11.44
N PRO A 367 11.68 9.26 -12.09
CA PRO A 367 13.01 9.51 -11.52
C PRO A 367 13.45 10.97 -11.63
N LYS A 368 14.01 11.48 -10.54
CA LYS A 368 14.62 12.81 -10.52
C LYS A 368 16.06 12.72 -11.00
N PRO A 369 16.66 13.86 -11.35
CA PRO A 369 18.09 13.86 -11.73
C PRO A 369 18.95 12.95 -10.88
N VAL A 370 18.84 13.07 -9.55
CA VAL A 370 19.72 12.35 -8.64
C VAL A 370 19.56 10.85 -8.80
N PHE A 371 18.37 10.38 -9.17
CA PHE A 371 18.20 8.94 -9.43
C PHE A 371 19.13 8.48 -10.52
N HIS A 372 19.12 9.17 -11.66
CA HIS A 372 19.96 8.76 -12.78
C HIS A 372 21.43 8.85 -12.40
N MET A 373 21.81 9.86 -11.62
CA MET A 373 23.20 9.97 -11.21
C MET A 373 23.64 8.73 -10.44
N PHE A 374 22.78 8.23 -9.56
CA PHE A 374 23.05 6.97 -8.88
C PHE A 374 23.30 5.85 -9.88
N THR A 375 22.38 5.66 -10.84
CA THR A 375 22.55 4.57 -11.80
C THR A 375 23.82 4.70 -12.60
N PHE A 376 24.35 5.91 -12.78
CA PHE A 376 25.63 6.06 -13.46
C PHE A 376 26.73 5.28 -12.73
N PHE A 377 26.70 5.27 -11.40
CA PHE A 377 27.78 4.60 -10.67
C PHE A 377 27.72 3.08 -10.78
N ASN A 378 26.68 2.51 -11.41
CA ASN A 378 26.70 1.08 -11.75
C ASN A 378 27.78 0.75 -12.74
N ALA A 379 28.28 1.72 -13.50
CA ALA A 379 29.21 1.41 -14.56
C ALA A 379 30.65 1.35 -14.09
N MET A 380 30.94 1.84 -12.89
CA MET A 380 32.31 1.89 -12.43
C MET A 380 32.86 0.50 -12.06
N GLY A 381 34.02 0.16 -12.63
CA GLY A 381 34.82 -0.94 -12.15
C GLY A 381 35.52 -0.57 -10.85
N GLU A 382 36.27 -1.52 -10.31
CA GLU A 382 36.92 -1.30 -9.03
C GLU A 382 38.28 -0.65 -9.13
N LYS A 383 38.98 -0.86 -10.22
CA LYS A 383 40.27 -0.25 -10.38
C LYS A 383 40.11 1.18 -10.81
N ILE A 384 40.48 2.11 -9.97
CA ILE A 384 40.36 3.52 -10.33
C ILE A 384 41.55 3.90 -11.19
N LEU A 385 41.29 4.42 -12.39
CA LEU A 385 42.36 4.98 -13.21
C LEU A 385 42.77 6.36 -12.72
N TYR A 386 41.80 7.20 -12.38
CA TYR A 386 42.05 8.60 -12.07
C TYR A 386 40.86 9.15 -11.30
N ARG A 387 41.11 10.13 -10.44
CA ARG A 387 40.02 10.78 -9.74
C ARG A 387 40.45 12.15 -9.21
N ASP A 388 39.58 13.15 -9.35
CA ASP A 388 39.76 14.43 -8.67
C ASP A 388 38.40 14.86 -8.14
N ASP A 389 38.27 16.15 -7.80
CA ASP A 389 37.08 16.69 -7.16
C ASP A 389 35.83 16.63 -8.02
N HIS A 390 35.95 16.37 -9.33
CA HIS A 390 34.80 16.49 -10.23
C HIS A 390 34.75 15.39 -11.28
N ILE A 391 35.56 14.35 -11.17
CA ILE A 391 35.51 13.23 -12.11
C ILE A 391 36.08 11.98 -11.45
N LEU A 392 35.49 10.84 -11.77
CA LEU A 392 36.04 9.54 -11.41
C LEU A 392 36.17 8.68 -12.66
N ILE A 393 37.32 8.03 -12.82
CA ILE A 393 37.60 7.20 -13.98
C ILE A 393 38.04 5.82 -13.50
N THR A 394 37.30 4.78 -13.90
CA THR A 394 37.56 3.42 -13.48
C THR A 394 37.74 2.52 -14.69
N GLU A 395 38.44 1.42 -14.43
CA GLU A 395 38.56 0.31 -15.37
C GLU A 395 37.72 -0.86 -14.88
N ARG A 396 36.91 -1.41 -15.78
CA ARG A 396 36.16 -2.59 -15.44
C ARG A 396 37.01 -3.84 -15.68
N GLU A 397 36.57 -4.95 -15.09
CA GLU A 397 37.34 -6.17 -15.18
C GLU A 397 37.37 -6.70 -16.61
N ASP A 398 36.46 -6.25 -17.45
CA ASP A 398 36.27 -6.86 -18.76
C ASP A 398 37.12 -6.26 -19.87
N LYS A 399 37.96 -5.24 -19.56
CA LYS A 399 38.66 -4.38 -20.53
C LYS A 399 38.28 -2.91 -20.31
N SER A 400 36.97 -2.64 -20.20
CA SER A 400 36.38 -1.34 -20.48
C SER A 400 36.86 -0.27 -19.52
N VAL A 401 36.78 0.99 -20.00
CA VAL A 401 36.95 2.15 -19.15
C VAL A 401 35.62 2.89 -19.09
N ALA A 402 35.29 3.38 -17.90
CA ALA A 402 34.04 4.10 -17.69
C ALA A 402 34.35 5.25 -16.76
N LEU A 403 33.72 6.39 -17.00
CA LEU A 403 33.95 7.53 -16.14
C LEU A 403 32.65 8.31 -15.96
N ILE A 404 32.57 8.97 -14.81
CA ILE A 404 31.51 9.91 -14.48
C ILE A 404 32.16 11.25 -14.16
N ALA A 405 31.61 12.32 -14.74
CA ALA A 405 32.00 13.68 -14.39
C ALA A 405 30.77 14.49 -14.05
N TRP A 406 30.93 15.40 -13.10
CA TRP A 406 29.85 16.28 -12.69
C TRP A 406 30.32 17.72 -12.62
N ASN A 407 29.35 18.62 -12.74
CA ASN A 407 29.63 20.04 -12.63
C ASN A 407 28.50 20.73 -11.89
N GLU A 408 28.57 20.74 -10.57
CA GLU A 408 27.56 21.47 -9.82
C GLU A 408 27.95 22.94 -9.73
N VAL A 409 27.01 23.83 -10.07
CA VAL A 409 27.22 25.28 -10.04
C VAL A 409 26.23 25.88 -9.03
N MET A 410 26.75 26.35 -7.91
CA MET A 410 25.89 26.80 -6.82
C MET A 410 25.34 28.21 -7.06
N THR A 411 26.18 29.15 -7.50
CA THR A 411 25.81 30.54 -7.69
C THR A 411 25.51 30.82 -9.16
N LYS A 412 24.66 31.83 -9.41
CA LYS A 412 24.48 32.28 -10.79
C LYS A 412 25.73 32.97 -11.31
N GLU A 413 26.62 33.38 -10.42
CA GLU A 413 27.94 33.90 -10.74
C GLU A 413 28.88 32.76 -11.05
N GLU A 414 29.94 32.64 -10.25
CA GLU A 414 30.74 31.43 -10.19
C GLU A 414 31.39 31.17 -11.55
N ASN A 415 31.27 29.97 -12.10
CA ASN A 415 31.95 29.55 -13.31
C ASN A 415 31.09 28.42 -13.82
N GLN A 416 30.43 28.63 -14.94
CA GLN A 416 29.27 27.82 -15.24
C GLN A 416 29.57 26.52 -15.98
N GLU A 417 30.70 26.43 -16.69
CA GLU A 417 30.95 25.25 -17.50
C GLU A 417 32.29 24.63 -17.13
N ARG A 418 32.51 23.43 -17.65
CA ARG A 418 33.70 22.66 -17.30
C ARG A 418 34.06 21.81 -18.51
N LYS A 419 35.23 22.06 -19.09
CA LYS A 419 35.67 21.29 -20.24
C LYS A 419 36.70 20.25 -19.83
N TYR A 420 36.67 19.12 -20.54
CA TYR A 420 37.61 18.03 -20.32
C TYR A 420 38.15 17.59 -21.67
N ARG A 421 39.45 17.40 -21.76
CA ARG A 421 40.00 16.50 -22.76
C ARG A 421 40.73 15.39 -22.00
N ILE A 422 40.48 14.15 -22.39
CA ILE A 422 41.02 12.99 -21.67
C ILE A 422 41.72 12.09 -22.67
N GLU A 423 43.02 11.87 -22.48
CA GLU A 423 43.78 10.92 -23.28
C GLU A 423 43.69 9.54 -22.63
N ILE A 424 43.14 8.58 -23.36
CA ILE A 424 42.89 7.25 -22.80
C ILE A 424 43.60 6.23 -23.67
N PRO A 425 44.54 5.46 -23.13
CA PRO A 425 45.23 4.45 -23.94
C PRO A 425 44.34 3.25 -24.14
N VAL A 426 44.37 2.70 -25.36
CA VAL A 426 43.59 1.53 -25.71
C VAL A 426 44.44 0.62 -26.58
N ASP A 427 44.27 -0.68 -26.41
CA ASP A 427 45.01 -1.67 -27.19
C ASP A 427 44.39 -1.96 -28.56
N TYR A 428 43.16 -1.54 -28.81
CA TYR A 428 42.43 -1.97 -29.99
C TYR A 428 42.32 -0.85 -31.01
N LYS A 429 42.02 -1.22 -32.25
CA LYS A 429 42.01 -0.24 -33.33
C LYS A 429 40.67 0.48 -33.43
N GLU A 430 39.58 -0.19 -33.06
CA GLU A 430 38.22 0.32 -33.22
C GLU A 430 37.53 0.44 -31.86
N VAL A 431 37.02 1.63 -31.56
CA VAL A 431 36.49 1.97 -30.24
C VAL A 431 35.01 2.31 -30.34
N PHE A 432 34.23 1.84 -29.35
CA PHE A 432 32.84 2.23 -29.18
C PHE A 432 32.72 3.07 -27.92
N ILE A 433 31.96 4.16 -28.01
CA ILE A 433 31.78 5.08 -26.89
C ILE A 433 30.30 5.32 -26.67
N LYS A 434 29.84 5.10 -25.45
CA LYS A 434 28.49 5.46 -25.06
C LYS A 434 28.55 6.58 -24.04
N GLN A 435 27.67 7.56 -24.19
CA GLN A 435 27.58 8.64 -23.24
C GLN A 435 26.15 8.75 -22.74
N LYS A 436 26.00 8.97 -21.45
CA LYS A 436 24.72 9.33 -20.88
C LYS A 436 24.90 10.69 -20.22
N LEU A 437 23.96 11.61 -20.47
CA LEU A 437 24.06 12.95 -19.94
C LEU A 437 22.75 13.40 -19.30
N ILE A 438 22.85 13.99 -18.11
CA ILE A 438 21.75 14.72 -17.48
C ILE A 438 22.21 16.14 -17.15
N ASP A 439 21.35 17.12 -17.42
CA ASP A 439 21.58 18.51 -16.99
C ASP A 439 20.27 19.27 -16.83
N GLU A 440 20.31 20.59 -17.02
CA GLU A 440 19.07 21.35 -16.96
C GLU A 440 18.20 21.08 -18.18
N GLU A 441 18.77 20.50 -19.23
CA GLU A 441 18.09 20.32 -20.49
C GLU A 441 17.56 18.91 -20.69
N TYR A 442 18.21 17.93 -20.09
CA TYR A 442 17.98 16.51 -20.37
C TYR A 442 17.79 15.80 -19.04
N GLY A 443 16.74 14.97 -18.97
CA GLY A 443 16.32 14.34 -17.74
C GLY A 443 16.11 15.27 -16.56
N ASN A 444 15.30 16.30 -16.74
CA ASN A 444 15.02 17.30 -15.71
C ASN A 444 13.52 17.58 -15.72
N PRO A 445 12.70 16.63 -15.26
CA PRO A 445 11.25 16.77 -15.44
C PRO A 445 10.67 17.87 -14.59
N TRP A 446 11.40 18.31 -13.56
CA TRP A 446 11.02 19.50 -12.81
C TRP A 446 10.77 20.67 -13.74
N ARG A 447 11.63 20.83 -14.75
CA ARG A 447 11.50 21.95 -15.66
C ARG A 447 10.27 21.77 -16.52
N THR A 448 10.17 20.62 -17.16
CA THR A 448 9.01 20.35 -18.01
C THR A 448 7.73 20.52 -17.20
N TRP A 449 7.78 20.19 -15.91
CA TRP A 449 6.64 20.39 -15.03
C TRP A 449 6.33 21.88 -14.85
N ILE A 450 7.31 22.68 -14.43
CA ILE A 450 7.16 24.13 -14.38
C ILE A 450 6.57 24.66 -15.68
N GLN A 451 7.13 24.21 -16.80
CA GLN A 451 6.57 24.61 -18.09
C GLN A 451 5.10 24.24 -18.19
N MET A 452 4.72 23.08 -17.63
CA MET A 452 3.33 22.64 -17.69
C MET A 452 2.39 23.53 -16.92
N GLY A 453 2.90 24.29 -15.95
CA GLY A 453 2.07 25.16 -15.15
C GLY A 453 2.15 24.81 -13.69
N ARG A 454 3.20 24.10 -13.28
CA ARG A 454 3.32 23.45 -11.98
C ARG A 454 2.01 22.82 -11.50
N PRO A 455 1.41 21.90 -12.27
CA PRO A 455 0.16 21.27 -11.81
C PRO A 455 0.40 20.55 -10.50
N ARG A 456 -0.50 20.77 -9.53
CA ARG A 456 -0.35 20.07 -8.26
C ARG A 456 -0.72 18.59 -8.38
N PHE A 457 -1.70 18.29 -9.22
CA PHE A 457 -2.32 16.97 -9.28
C PHE A 457 -2.53 16.61 -10.75
N PRO A 458 -1.45 16.29 -11.46
CA PRO A 458 -1.51 16.21 -12.92
C PRO A 458 -2.32 15.01 -13.40
N SER A 459 -2.65 15.07 -14.69
CA SER A 459 -3.39 14.01 -15.38
C SER A 459 -2.45 12.90 -15.84
N LYS A 460 -3.04 11.75 -16.19
CA LYS A 460 -2.24 10.62 -16.66
C LYS A 460 -1.40 11.01 -17.86
N LYS A 461 -1.96 11.86 -18.74
CA LYS A 461 -1.26 12.26 -19.95
C LYS A 461 -0.10 13.18 -19.62
N GLN A 462 -0.28 14.02 -18.60
CA GLN A 462 0.81 14.88 -18.14
C GLN A 462 1.89 14.08 -17.42
N ILE A 463 1.48 13.06 -16.72
CA ILE A 463 2.40 12.28 -15.99
C ILE A 463 3.28 11.57 -16.90
N GLU A 464 2.72 11.16 -18.03
CA GLU A 464 3.45 10.40 -19.04
C GLU A 464 4.40 11.20 -19.92
N THR A 465 4.31 12.54 -19.91
CA THR A 465 5.21 13.25 -20.75
C THR A 465 6.36 13.52 -19.86
N LEU A 466 6.08 13.63 -18.60
CA LEU A 466 7.17 13.74 -17.65
C LEU A 466 7.98 12.46 -17.62
N ARG A 467 7.37 11.33 -17.85
CA ARG A 467 8.11 10.12 -17.81
C ARG A 467 8.92 10.04 -19.03
N GLU A 468 8.40 10.58 -20.10
CA GLU A 468 9.12 10.61 -21.38
C GLU A 468 10.41 11.40 -21.29
N VAL A 469 10.48 12.43 -20.45
CA VAL A 469 11.64 13.31 -20.41
C VAL A 469 12.51 13.07 -19.20
N ALA A 470 12.13 12.20 -18.30
CA ALA A 470 12.98 11.94 -17.14
C ALA A 470 13.97 10.81 -17.41
N THR A 471 14.61 10.81 -18.58
CA THR A 471 15.64 9.88 -18.97
C THR A 471 16.93 10.64 -19.20
N PRO A 472 18.08 10.00 -19.08
CA PRO A 472 19.31 10.57 -19.63
C PRO A 472 19.24 10.68 -21.15
N LYS A 473 20.04 11.63 -21.67
CA LYS A 473 20.30 11.70 -23.11
C LYS A 473 21.47 10.77 -23.42
N VAL A 474 21.26 9.85 -24.35
CA VAL A 474 22.21 8.79 -24.64
C VAL A 474 22.67 8.93 -26.07
N THR A 475 23.99 8.92 -26.26
CA THR A 475 24.63 9.22 -27.53
C THR A 475 25.78 8.23 -27.70
N THR A 476 25.94 7.75 -28.92
CA THR A 476 26.89 6.70 -29.20
C THR A 476 27.76 7.08 -30.39
N PHE A 477 29.04 6.73 -30.28
CA PHE A 477 30.07 7.13 -31.23
C PHE A 477 30.94 5.95 -31.61
N ARG A 478 31.38 5.93 -32.87
CA ARG A 478 32.47 5.07 -33.32
C ARG A 478 33.70 5.93 -33.63
N LYS A 479 34.84 5.60 -33.01
CA LYS A 479 36.11 6.29 -33.22
C LYS A 479 37.16 5.25 -33.57
N THR A 480 37.75 5.36 -34.77
CA THR A 480 38.87 4.52 -35.17
C THR A 480 40.17 5.22 -34.80
N VAL A 481 40.98 4.59 -33.96
CA VAL A 481 41.85 5.33 -33.06
C VAL A 481 43.26 5.46 -33.61
N GLU A 482 43.85 6.64 -33.35
CA GLU A 482 45.19 7.03 -33.74
C GLU A 482 46.19 6.74 -32.62
N ASN A 483 47.39 6.33 -33.00
CA ASN A 483 48.54 6.15 -32.12
C ASN A 483 48.21 5.54 -30.76
N GLY A 484 47.43 4.46 -30.75
CA GLY A 484 47.13 3.70 -29.54
C GLY A 484 46.51 4.46 -28.39
N HIS A 485 45.64 5.44 -28.66
CA HIS A 485 45.01 6.19 -27.58
C HIS A 485 43.84 7.01 -28.11
N ILE A 486 42.73 7.01 -27.36
CA ILE A 486 41.54 7.79 -27.59
C ILE A 486 41.64 9.08 -26.78
N THR A 487 41.11 10.18 -27.32
CA THR A 487 40.99 11.44 -26.58
C THR A 487 39.53 11.85 -26.61
N LEU A 488 38.93 11.97 -25.43
CA LEU A 488 37.55 12.40 -25.31
C LEU A 488 37.52 13.90 -25.10
N GLU A 489 36.67 14.59 -25.85
CA GLU A 489 36.47 16.03 -25.66
C GLU A 489 34.98 16.30 -25.49
N PHE A 490 34.63 16.89 -24.36
CA PHE A 490 33.24 17.20 -24.06
C PHE A 490 33.22 18.35 -23.07
N THR A 491 32.06 19.00 -22.97
CA THR A 491 31.88 20.11 -22.03
C THR A 491 30.58 19.97 -21.26
N LEU A 492 30.66 20.12 -19.95
CA LEU A 492 29.50 20.06 -19.08
C LEU A 492 28.95 21.45 -18.87
N GLY A 493 27.69 21.67 -19.21
CA GLY A 493 26.98 22.83 -18.77
C GLY A 493 26.65 22.75 -17.29
N LYS A 494 25.78 23.65 -16.86
CA LYS A 494 25.52 23.80 -15.43
C LYS A 494 24.76 22.60 -14.88
N ASN A 495 25.18 22.15 -13.69
CA ASN A 495 24.52 21.08 -12.92
C ASN A 495 24.36 19.81 -13.74
N ALA A 496 25.37 19.49 -14.54
CA ALA A 496 25.33 18.29 -15.37
C ALA A 496 26.09 17.17 -14.70
N VAL A 497 25.66 15.94 -14.95
CA VAL A 497 26.42 14.76 -14.63
C VAL A 497 26.46 13.92 -15.89
N THR A 498 27.61 13.32 -16.17
CA THR A 498 27.67 12.49 -17.36
C THR A 498 28.50 11.23 -17.11
N LEU A 499 28.36 10.29 -18.03
CA LEU A 499 28.90 8.95 -17.93
C LEU A 499 29.31 8.53 -19.31
N PHE A 500 30.56 8.07 -19.44
CA PHE A 500 31.08 7.51 -20.68
C PHE A 500 31.53 6.06 -20.42
N GLU A 501 31.20 5.19 -21.36
CA GLU A 501 31.73 3.82 -21.39
C GLU A 501 32.48 3.66 -22.72
N ILE A 502 33.74 3.26 -22.63
CA ILE A 502 34.62 3.06 -23.78
C ILE A 502 34.95 1.59 -23.90
N SER A 503 34.81 1.03 -25.11
CA SER A 503 35.02 -0.41 -25.22
C SER A 503 35.42 -0.82 -26.64
N LYS A 504 36.04 -2.01 -26.73
CA LYS A 504 36.58 -2.54 -27.98
C LYS A 504 35.48 -3.04 -28.92
N VAL A 505 35.58 -2.64 -30.18
CA VAL A 505 34.70 -3.15 -31.22
C VAL A 505 35.38 -4.28 -31.93
N ILE A 506 34.65 -5.37 -32.13
CA ILE A 506 35.05 -6.41 -33.05
C ILE A 506 34.14 -6.26 -34.25
N ASP A 507 34.62 -5.58 -35.29
CA ASP A 507 33.77 -5.37 -36.45
C ASP A 507 33.44 -6.70 -37.12
N GLU A 508 32.17 -6.88 -37.46
CA GLU A 508 31.71 -8.05 -38.20
C GLU A 508 31.18 -7.70 -39.58
N SER A 509 31.39 -6.47 -40.03
CA SER A 509 30.81 -6.05 -41.30
C SER A 509 31.34 -6.88 -42.46
N HIS A 510 32.54 -7.46 -42.30
CA HIS A 510 33.14 -8.27 -43.35
C HIS A 510 32.40 -9.59 -43.53
N THR A 511 31.77 -10.12 -42.47
CA THR A 511 31.00 -11.34 -42.62
C THR A 511 29.69 -11.12 -43.36
N TYR A 512 29.34 -9.90 -43.76
CA TYR A 512 28.13 -9.65 -44.54
C TYR A 512 28.53 -9.51 -46.00
N ILE A 513 28.32 -10.57 -46.78
CA ILE A 513 28.86 -10.57 -48.13
C ILE A 513 27.97 -9.67 -48.98
N GLY A 514 28.58 -8.68 -49.63
CA GLY A 514 27.84 -7.72 -50.42
C GLY A 514 27.29 -6.55 -49.64
N LEU A 515 27.69 -6.38 -48.38
CA LEU A 515 27.25 -5.22 -47.61
C LEU A 515 27.64 -3.95 -48.35
N ASP A 516 26.66 -3.15 -48.72
CA ASP A 516 26.93 -1.83 -49.28
C ASP A 516 25.79 -0.89 -48.91
N ASP A 517 26.05 0.02 -47.98
CA ASP A 517 24.99 0.93 -47.59
C ASP A 517 24.68 1.93 -48.70
N SER A 518 25.65 2.23 -49.56
CA SER A 518 25.40 3.12 -50.71
C SER A 518 24.24 2.63 -51.58
N LYS A 519 23.90 1.35 -51.49
CA LYS A 519 22.82 0.80 -52.29
C LYS A 519 21.45 0.99 -51.65
N ILE A 520 21.35 1.67 -50.51
CA ILE A 520 20.08 1.89 -49.83
C ILE A 520 19.60 3.31 -50.13
N PRO A 521 18.44 3.50 -50.75
CA PRO A 521 17.86 4.84 -50.87
C PRO A 521 17.93 5.62 -49.57
N GLY A 522 17.99 6.95 -49.67
CA GLY A 522 18.19 7.79 -48.50
C GLY A 522 19.52 8.50 -48.45
N GLY A 523 20.39 8.31 -49.46
CA GLY A 523 21.72 8.89 -49.44
C GLY A 523 22.52 8.33 -48.29
N TYR A 524 23.15 7.17 -48.50
CA TYR A 524 23.70 6.37 -47.39
C TYR A 524 25.09 5.84 -47.72
N HIS B 25 -36.83 -30.57 0.26
CA HIS B 25 -36.74 -32.01 0.04
C HIS B 25 -36.94 -32.37 -1.43
N ILE B 26 -38.20 -32.55 -1.86
CA ILE B 26 -38.52 -33.11 -3.18
C ILE B 26 -39.05 -31.98 -4.07
N LYS B 27 -38.42 -31.78 -5.23
CA LYS B 27 -38.72 -30.69 -6.15
C LYS B 27 -38.83 -31.22 -7.56
N ILE B 28 -39.86 -30.79 -8.29
CA ILE B 28 -39.92 -31.02 -9.73
C ILE B 28 -40.62 -29.84 -10.37
N GLU B 29 -40.25 -29.58 -11.63
CA GLU B 29 -40.90 -28.57 -12.46
C GLU B 29 -40.77 -28.97 -13.93
N LYS B 30 -41.46 -28.23 -14.77
CA LYS B 30 -41.38 -28.37 -16.19
C LYS B 30 -41.05 -27.01 -16.83
N GLY B 31 -41.10 -26.89 -18.14
CA GLY B 31 -40.78 -25.61 -18.76
C GLY B 31 -41.52 -24.35 -18.38
N LYS B 32 -41.28 -23.79 -17.19
CA LYS B 32 -41.92 -22.55 -16.80
C LYS B 32 -41.16 -21.80 -15.74
N TYR B 33 -41.22 -20.49 -15.78
CA TYR B 33 -40.50 -19.67 -14.86
C TYR B 33 -41.27 -19.06 -13.72
N VAL B 34 -40.56 -18.57 -12.73
CA VAL B 34 -41.17 -18.06 -11.55
C VAL B 34 -40.76 -16.66 -11.24
N GLY B 35 -39.69 -16.19 -11.84
CA GLY B 35 -39.24 -14.87 -11.54
C GLY B 35 -38.00 -14.53 -12.27
N VAL B 36 -37.43 -13.39 -11.96
CA VAL B 36 -36.17 -13.00 -12.58
C VAL B 36 -35.14 -12.74 -11.50
N PHE B 37 -33.95 -13.33 -11.67
CA PHE B 37 -32.86 -13.14 -10.72
C PHE B 37 -32.01 -11.95 -11.17
N PRO B 38 -32.10 -10.80 -10.51
CA PRO B 38 -31.38 -9.61 -10.98
C PRO B 38 -29.90 -9.69 -10.59
N ASP B 39 -29.10 -8.80 -11.18
CA ASP B 39 -27.69 -8.74 -10.82
C ASP B 39 -27.44 -7.78 -9.67
N ASN B 40 -28.48 -7.46 -8.89
CA ASN B 40 -28.33 -6.55 -7.77
C ASN B 40 -27.30 -7.00 -6.77
N TRP B 41 -27.09 -8.31 -6.64
CA TRP B 41 -26.18 -8.79 -5.60
C TRP B 41 -24.75 -8.31 -5.83
N LYS B 42 -24.34 -8.13 -7.11
CA LYS B 42 -23.04 -7.62 -7.54
C LYS B 42 -22.95 -6.11 -7.52
N PHE B 43 -23.94 -5.42 -7.06
CA PHE B 43 -23.85 -4.00 -7.17
C PHE B 43 -22.76 -3.33 -6.40
N CYS B 44 -22.65 -3.57 -5.10
CA CYS B 44 -21.61 -2.87 -4.35
C CYS B 44 -21.11 -3.68 -3.18
N VAL B 45 -19.91 -3.36 -2.73
CA VAL B 45 -19.35 -4.07 -1.61
C VAL B 45 -18.77 -3.07 -0.69
N GLY B 46 -18.68 -3.42 0.57
CA GLY B 46 -18.12 -2.54 1.53
C GLY B 46 -16.65 -2.67 1.59
N SER B 47 -16.03 -1.81 2.36
CA SER B 47 -14.59 -1.79 2.46
C SER B 47 -14.21 -1.05 3.73
N GLY B 48 -12.96 -1.23 4.15
CA GLY B 48 -12.33 -0.37 5.13
C GLY B 48 -12.22 1.07 4.65
N ARG B 49 -11.78 1.98 5.52
CA ARG B 49 -11.66 3.40 5.17
C ARG B 49 -10.84 3.60 3.90
N ILE B 50 -11.29 4.50 3.01
CA ILE B 50 -10.57 4.70 1.75
C ILE B 50 -9.10 5.03 2.00
N GLY B 51 -8.77 5.64 3.14
CA GLY B 51 -7.37 5.76 3.52
C GLY B 51 -6.61 4.44 3.41
N LEU B 52 -7.24 3.34 3.82
CA LEU B 52 -6.58 2.04 3.72
C LEU B 52 -6.39 1.59 2.29
N ALA B 53 -7.05 2.25 1.33
CA ALA B 53 -6.91 1.80 -0.04
C ALA B 53 -5.49 2.00 -0.57
N LEU B 54 -4.69 2.81 0.11
CA LEU B 54 -3.30 2.96 -0.28
C LEU B 54 -2.47 1.71 0.00
N GLN B 55 -3.01 0.76 0.78
CA GLN B 55 -2.24 -0.40 1.20
C GLN B 55 -2.08 -1.39 0.05
N LYS B 56 -0.87 -1.91 -0.13
CA LYS B 56 -0.67 -2.93 -1.15
C LYS B 56 -1.59 -4.12 -0.90
N GLU B 57 -1.68 -4.58 0.36
CA GLU B 57 -2.60 -5.66 0.74
C GLU B 57 -4.02 -5.39 0.28
N TYR B 58 -4.50 -4.16 0.53
CA TYR B 58 -5.83 -3.80 0.07
C TYR B 58 -5.95 -3.96 -1.43
N ILE B 59 -5.01 -3.40 -2.18
CA ILE B 59 -5.14 -3.43 -3.63
C ILE B 59 -4.92 -4.84 -4.14
N ASP B 60 -4.01 -5.58 -3.52
CA ASP B 60 -3.83 -6.98 -3.90
C ASP B 60 -5.14 -7.75 -3.74
N ALA B 61 -5.92 -7.42 -2.71
CA ALA B 61 -7.17 -8.12 -2.43
C ALA B 61 -8.27 -7.66 -3.36
N LEU B 62 -8.45 -6.34 -3.48
CA LEU B 62 -9.51 -5.86 -4.34
C LEU B 62 -9.33 -6.39 -5.77
N SER B 63 -8.08 -6.52 -6.23
CA SER B 63 -7.85 -7.12 -7.54
C SER B 63 -8.27 -8.58 -7.55
N PHE B 64 -7.96 -9.30 -6.47
CA PHE B 64 -8.24 -10.73 -6.44
C PHE B 64 -9.75 -10.99 -6.40
N VAL B 65 -10.45 -10.26 -5.54
CA VAL B 65 -11.90 -10.29 -5.54
C VAL B 65 -12.44 -9.96 -6.92
N LYS B 66 -12.08 -8.80 -7.43
CA LYS B 66 -12.66 -8.35 -8.69
C LYS B 66 -12.30 -9.28 -9.84
N ARG B 67 -11.24 -10.08 -9.70
CA ARG B 67 -11.01 -11.13 -10.67
C ARG B 67 -12.11 -12.20 -10.64
N HIS B 68 -12.91 -12.26 -9.58
CA HIS B 68 -13.87 -13.33 -9.41
C HIS B 68 -15.31 -12.87 -9.32
N ILE B 69 -15.56 -11.62 -8.94
CA ILE B 69 -16.90 -11.12 -8.73
C ILE B 69 -16.97 -9.72 -9.33
N ASP B 70 -17.69 -9.58 -10.43
CA ASP B 70 -17.79 -8.30 -11.09
C ASP B 70 -18.62 -7.31 -10.29
N PHE B 71 -18.12 -6.90 -9.13
CA PHE B 71 -18.75 -5.82 -8.37
C PHE B 71 -18.63 -4.48 -9.10
N LYS B 72 -19.65 -3.67 -9.04
CA LYS B 72 -19.61 -2.41 -9.71
C LYS B 72 -19.24 -1.25 -8.84
N TYR B 73 -19.62 -1.25 -7.58
CA TYR B 73 -19.31 -0.11 -6.73
C TYR B 73 -18.63 -0.52 -5.44
N LEU B 74 -17.98 0.43 -4.79
CA LEU B 74 -17.28 0.13 -3.55
C LEU B 74 -17.66 1.19 -2.54
N ARG B 75 -18.12 0.78 -1.36
CA ARG B 75 -18.52 1.75 -0.39
C ARG B 75 -17.60 1.75 0.77
N ALA B 76 -17.17 2.92 1.22
CA ALA B 76 -16.21 3.01 2.31
C ALA B 76 -16.39 4.32 3.06
N HIS B 77 -16.01 4.30 4.34
CA HIS B 77 -15.97 5.53 5.13
C HIS B 77 -14.69 6.31 4.83
N GLY B 78 -14.62 7.52 5.38
CA GLY B 78 -13.35 8.20 5.61
C GLY B 78 -12.86 9.13 4.53
N LEU B 79 -13.69 9.42 3.51
CA LEU B 79 -13.21 10.18 2.36
C LEU B 79 -12.55 11.49 2.80
N LEU B 80 -13.08 12.12 3.84
CA LEU B 80 -12.54 13.35 4.37
C LEU B 80 -11.77 13.14 5.65
N HIS B 81 -11.32 11.93 5.90
CA HIS B 81 -10.50 11.78 7.07
C HIS B 81 -9.15 12.42 6.83
N ASP B 82 -8.41 12.65 7.90
CA ASP B 82 -7.18 13.39 7.74
C ASP B 82 -5.99 12.50 7.41
N ASP B 83 -6.21 11.20 7.34
CA ASP B 83 -5.17 10.28 6.91
C ASP B 83 -4.98 10.60 5.43
N VAL B 84 -6.10 10.61 4.70
CA VAL B 84 -6.10 10.96 3.28
C VAL B 84 -5.91 12.46 3.09
N GLY B 85 -6.10 13.25 4.15
CA GLY B 85 -5.60 14.61 4.23
C GLY B 85 -6.11 15.64 3.25
N ILE B 86 -7.37 15.53 2.80
CA ILE B 86 -7.87 16.48 1.82
C ILE B 86 -7.92 17.90 2.38
N TYR B 87 -8.45 18.08 3.60
CA TYR B 87 -8.68 19.42 4.13
C TYR B 87 -7.54 19.86 5.05
N ARG B 88 -6.82 20.91 4.64
CA ARG B 88 -5.73 21.52 5.40
C ARG B 88 -5.93 23.02 5.42
N GLU B 89 -5.15 23.73 6.25
CA GLU B 89 -5.29 25.18 6.37
C GLU B 89 -3.93 25.87 6.42
N ASP B 90 -3.78 26.91 5.61
CA ASP B 90 -2.59 27.75 5.56
C ASP B 90 -2.85 29.14 6.13
N ILE B 91 -1.81 29.71 6.74
CA ILE B 91 -1.86 31.01 7.41
C ILE B 91 -1.05 32.02 6.59
N VAL B 92 -1.73 32.93 5.88
CA VAL B 92 -1.05 34.02 5.17
C VAL B 92 -1.28 35.32 5.95
N ASP B 93 -0.18 35.93 6.40
CA ASP B 93 -0.21 37.06 7.31
C ASP B 93 -0.98 36.68 8.57
N GLY B 94 -2.24 37.08 8.64
CA GLY B 94 -3.05 36.70 9.79
C GLY B 94 -4.13 35.69 9.51
N LYS B 95 -4.70 35.72 8.30
CA LYS B 95 -5.90 34.94 8.03
C LYS B 95 -5.58 33.45 7.97
N THR B 96 -6.63 32.64 7.85
CA THR B 96 -6.51 31.25 7.46
C THR B 96 -7.37 31.04 6.22
N ILE B 97 -6.74 30.54 5.17
CA ILE B 97 -7.41 30.27 3.89
C ILE B 97 -7.37 28.75 3.76
N PRO B 98 -8.38 28.12 3.15
CA PRO B 98 -8.37 26.66 3.06
C PRO B 98 -7.35 26.17 2.05
N PHE B 99 -7.00 24.89 2.18
CA PHE B 99 -6.24 24.16 1.17
C PHE B 99 -6.77 22.76 1.00
N TYR B 100 -7.03 22.37 -0.24
CA TYR B 100 -7.58 21.05 -0.55
C TYR B 100 -6.53 20.20 -1.25
N ASN B 101 -6.00 19.21 -0.54
CA ASN B 101 -4.89 18.37 -1.00
C ASN B 101 -5.42 17.06 -1.57
N PHE B 102 -5.34 16.89 -2.88
CA PHE B 102 -5.91 15.74 -3.56
C PHE B 102 -4.92 14.58 -3.80
N THR B 103 -3.68 14.68 -3.31
CA THR B 103 -2.64 13.71 -3.67
C THR B 103 -3.11 12.27 -3.48
N TYR B 104 -3.49 11.92 -2.25
CA TYR B 104 -3.88 10.56 -1.89
C TYR B 104 -5.15 10.12 -2.62
N ILE B 105 -6.22 10.93 -2.55
CA ILE B 105 -7.52 10.48 -3.07
C ILE B 105 -7.44 10.27 -4.58
N ASP B 106 -6.66 11.12 -5.27
CA ASP B 106 -6.37 10.88 -6.68
C ASP B 106 -5.79 9.48 -6.87
N ARG B 107 -4.75 9.15 -6.11
CA ARG B 107 -4.17 7.82 -6.22
C ARG B 107 -5.21 6.73 -5.97
N ILE B 108 -6.10 6.95 -5.00
CA ILE B 108 -7.07 5.92 -4.62
C ILE B 108 -8.15 5.74 -5.68
N TYR B 109 -8.81 6.84 -6.06
CA TYR B 109 -9.85 6.65 -7.08
C TYR B 109 -9.24 6.27 -8.42
N ASP B 110 -7.97 6.61 -8.63
CA ASP B 110 -7.28 6.13 -9.83
C ASP B 110 -7.21 4.62 -9.84
N SER B 111 -6.79 4.03 -8.73
CA SER B 111 -6.64 2.58 -8.72
C SER B 111 -8.01 1.92 -8.80
N PHE B 112 -9.02 2.50 -8.14
CA PHE B 112 -10.36 1.93 -8.27
C PHE B 112 -10.75 1.83 -9.73
N LEU B 113 -10.60 2.92 -10.47
CA LEU B 113 -11.05 2.89 -11.85
C LEU B 113 -10.23 1.92 -12.67
N GLU B 114 -8.95 1.81 -12.35
CA GLU B 114 -8.09 0.91 -13.09
C GLU B 114 -8.50 -0.54 -12.88
N ILE B 115 -9.02 -0.84 -11.69
CA ILE B 115 -9.46 -2.18 -11.35
C ILE B 115 -10.79 -2.51 -12.02
N GLY B 116 -11.67 -1.52 -12.19
CA GLY B 116 -12.89 -1.72 -12.93
C GLY B 116 -14.09 -1.54 -12.03
N ILE B 117 -13.96 -0.64 -11.06
CA ILE B 117 -14.95 -0.43 -10.01
C ILE B 117 -14.96 1.03 -9.60
N ARG B 118 -16.14 1.54 -9.27
CA ARG B 118 -16.32 2.95 -8.91
C ARG B 118 -16.67 3.10 -7.43
N PRO B 119 -16.53 4.29 -6.85
CA PRO B 119 -16.88 4.43 -5.44
C PRO B 119 -18.35 4.78 -5.21
N PHE B 120 -18.96 4.08 -4.29
CA PHE B 120 -20.08 4.65 -3.57
C PHE B 120 -19.50 5.69 -2.63
N VAL B 121 -19.54 6.95 -3.06
CA VAL B 121 -18.96 8.01 -2.27
C VAL B 121 -19.81 8.21 -1.02
N GLU B 122 -19.22 7.97 0.14
CA GLU B 122 -19.83 8.27 1.42
C GLU B 122 -19.16 9.51 1.99
N ILE B 123 -19.91 10.61 2.07
CA ILE B 123 -19.35 11.86 2.56
C ILE B 123 -19.12 11.76 4.06
N GLY B 124 -17.87 11.82 4.49
CA GLY B 124 -17.53 11.82 5.91
C GLY B 124 -16.07 11.49 6.09
N PHE B 125 -15.61 11.64 7.33
CA PHE B 125 -16.41 12.15 8.41
C PHE B 125 -16.16 13.64 8.49
N MET B 126 -15.81 14.14 9.66
CA MET B 126 -15.44 15.54 9.59
C MET B 126 -13.94 15.71 9.74
N PRO B 127 -13.31 16.46 8.82
CA PRO B 127 -11.91 16.86 9.01
C PRO B 127 -11.71 17.59 10.33
N SER B 128 -10.60 17.25 11.00
CA SER B 128 -10.35 17.75 12.34
C SER B 128 -10.34 19.28 12.39
N LYS B 129 -9.82 19.94 11.34
CA LYS B 129 -9.73 21.41 11.35
C LYS B 129 -11.11 22.07 11.28
N LEU B 130 -12.08 21.42 10.66
CA LEU B 130 -13.42 21.96 10.46
C LEU B 130 -14.39 21.61 11.60
N ALA B 131 -13.94 20.85 12.59
CA ALA B 131 -14.86 20.16 13.50
C ALA B 131 -15.35 21.05 14.64
N SER B 132 -16.58 20.85 15.04
CA SER B 132 -17.09 21.63 16.12
C SER B 132 -16.82 21.07 17.46
N GLY B 133 -16.55 19.78 17.56
CA GLY B 133 -16.29 19.22 18.87
C GLY B 133 -15.18 18.21 18.92
N ASP B 134 -15.09 17.49 20.05
CA ASP B 134 -13.99 16.58 20.33
C ASP B 134 -14.30 15.11 20.09
N GLN B 135 -15.58 14.72 20.04
CA GLN B 135 -15.93 13.30 20.00
C GLN B 135 -15.38 12.66 18.73
N THR B 136 -14.83 11.47 18.88
CA THR B 136 -14.36 10.67 17.77
C THR B 136 -14.94 9.27 17.87
N VAL B 137 -14.58 8.45 16.90
CA VAL B 137 -15.08 7.09 16.76
C VAL B 137 -13.94 6.25 16.22
N PHE B 138 -13.96 4.95 16.54
CA PHE B 138 -13.00 3.99 16.02
C PHE B 138 -11.60 4.19 16.57
N TYR B 139 -10.75 3.19 16.32
CA TYR B 139 -9.32 3.29 16.60
C TYR B 139 -8.69 4.47 15.88
N TRP B 140 -9.21 4.82 14.70
CA TRP B 140 -8.64 5.86 13.88
C TRP B 140 -9.39 7.20 13.99
N ARG B 141 -10.02 7.44 15.14
CA ARG B 141 -10.33 8.80 15.62
C ARG B 141 -10.96 9.70 14.55
N GLY B 142 -11.97 9.18 13.86
CA GLY B 142 -12.76 10.01 12.97
C GLY B 142 -13.70 10.90 13.77
N ASN B 143 -13.68 12.20 13.47
CA ASN B 143 -14.50 13.17 14.18
C ASN B 143 -15.95 13.10 13.71
N VAL B 144 -16.89 13.21 14.66
CA VAL B 144 -18.29 12.96 14.35
C VAL B 144 -19.18 14.19 14.63
N THR B 145 -18.59 15.37 14.77
CA THR B 145 -19.34 16.58 15.03
C THR B 145 -19.68 17.29 13.74
N PRO B 146 -20.56 18.29 13.79
CA PRO B 146 -20.85 19.10 12.58
C PRO B 146 -19.74 20.11 12.33
N PRO B 147 -19.76 20.82 11.21
CA PRO B 147 -18.75 21.87 10.99
C PRO B 147 -18.99 23.09 11.86
N LYS B 148 -17.89 23.67 12.36
CA LYS B 148 -18.01 24.96 13.06
C LYS B 148 -18.63 26.04 12.20
N ASP B 149 -18.54 25.91 10.87
CA ASP B 149 -18.98 26.97 9.96
C ASP B 149 -19.46 26.27 8.69
N TYR B 150 -20.77 26.15 8.54
CA TYR B 150 -21.31 25.39 7.41
C TYR B 150 -20.95 26.02 6.08
N LYS B 151 -20.67 27.33 6.04
CA LYS B 151 -20.25 27.91 4.77
C LYS B 151 -18.89 27.36 4.36
N GLU B 152 -18.04 27.02 5.33
CA GLU B 152 -16.75 26.42 5.00
C GLU B 152 -16.94 25.00 4.51
N TRP B 153 -17.85 24.24 5.13
CA TRP B 153 -18.15 22.90 4.65
C TRP B 153 -18.78 22.91 3.26
N GLU B 154 -19.58 23.94 2.94
CA GLU B 154 -20.05 24.09 1.57
C GLU B 154 -18.88 24.26 0.61
N LYS B 155 -17.90 25.10 0.98
CA LYS B 155 -16.70 25.25 0.19
C LYS B 155 -16.03 23.90 -0.04
N LEU B 156 -15.87 23.12 1.04
CA LEU B 156 -15.14 21.87 0.94
C LEU B 156 -15.79 20.91 -0.04
N ILE B 157 -17.10 20.70 0.10
CA ILE B 157 -17.76 19.68 -0.72
C ILE B 157 -17.72 20.08 -2.18
N LYS B 158 -17.97 21.36 -2.49
CA LYS B 158 -18.04 21.73 -3.88
C LYS B 158 -16.67 21.61 -4.53
N ASN B 159 -15.62 22.09 -3.85
CA ASN B 159 -14.28 22.02 -4.41
C ASN B 159 -13.89 20.58 -4.72
N VAL B 160 -14.17 19.68 -3.78
CA VAL B 160 -13.84 18.27 -3.99
C VAL B 160 -14.61 17.70 -5.17
N VAL B 161 -15.89 18.03 -5.29
CA VAL B 161 -16.67 17.51 -6.41
C VAL B 161 -16.13 18.06 -7.73
N LYS B 162 -15.86 19.39 -7.78
CA LYS B 162 -15.36 19.99 -9.01
C LYS B 162 -14.05 19.34 -9.41
N HIS B 163 -13.17 19.14 -8.45
CA HIS B 163 -11.91 18.48 -8.79
C HIS B 163 -12.18 17.10 -9.37
N PHE B 164 -13.09 16.34 -8.78
CA PHE B 164 -13.45 15.05 -9.34
C PHE B 164 -13.88 15.18 -10.80
N ILE B 165 -14.68 16.20 -11.13
CA ILE B 165 -15.07 16.33 -12.54
C ILE B 165 -13.90 16.78 -13.37
N ASP B 166 -13.02 17.63 -12.81
CA ASP B 166 -11.85 18.10 -13.55
C ASP B 166 -10.95 16.92 -13.89
N ARG B 167 -10.84 15.98 -12.96
CA ARG B 167 -9.92 14.86 -13.17
C ARG B 167 -10.54 13.76 -14.03
N TYR B 168 -11.78 13.34 -13.72
CA TYR B 168 -12.36 12.17 -14.35
C TYR B 168 -13.45 12.48 -15.38
N GLY B 169 -14.00 13.69 -15.37
CA GLY B 169 -14.99 14.10 -16.36
C GLY B 169 -16.42 13.90 -15.88
N GLU B 170 -17.34 14.59 -16.57
CA GLU B 170 -18.74 14.50 -16.19
C GLU B 170 -19.26 13.07 -16.39
N LYS B 171 -19.13 12.54 -17.61
CA LYS B 171 -19.76 11.27 -17.95
C LYS B 171 -19.45 10.17 -16.93
N GLU B 172 -18.28 10.24 -16.30
CA GLU B 172 -17.85 9.26 -15.31
C GLU B 172 -18.41 9.56 -13.92
N VAL B 173 -18.15 10.77 -13.43
CA VAL B 173 -18.47 11.10 -12.04
C VAL B 173 -19.96 11.02 -11.81
N THR B 174 -20.77 11.35 -12.81
CA THR B 174 -22.21 11.26 -12.63
C THR B 174 -22.68 9.81 -12.44
N GLN B 175 -21.86 8.83 -12.80
CA GLN B 175 -22.15 7.45 -12.43
C GLN B 175 -21.78 7.13 -10.99
N TRP B 176 -21.39 8.12 -10.18
CA TRP B 176 -21.02 7.83 -8.81
C TRP B 176 -22.13 8.24 -7.86
N PRO B 177 -22.68 7.32 -7.10
CA PRO B 177 -23.68 7.70 -6.10
C PRO B 177 -23.01 8.37 -4.90
N PHE B 178 -23.71 9.33 -4.32
CA PHE B 178 -23.18 10.03 -3.15
C PHE B 178 -24.11 9.81 -1.97
N GLU B 179 -23.56 9.25 -0.90
CA GLU B 179 -24.28 8.99 0.34
C GLU B 179 -23.73 9.92 1.42
N ILE B 180 -24.60 10.48 2.23
CA ILE B 180 -24.23 11.55 3.15
C ILE B 180 -24.13 11.00 4.56
N TRP B 181 -22.94 11.07 5.14
CA TRP B 181 -22.64 10.60 6.50
C TRP B 181 -22.86 9.11 6.64
N ASN B 182 -23.05 8.64 7.87
CA ASN B 182 -23.19 7.22 8.14
C ASN B 182 -23.76 7.05 9.54
N GLU B 183 -24.85 6.28 9.63
CA GLU B 183 -25.52 5.91 10.88
C GLU B 183 -25.68 7.12 11.82
N PRO B 184 -26.32 8.19 11.37
CA PRO B 184 -26.50 9.37 12.25
C PRO B 184 -27.40 9.09 13.44
N ASN B 185 -28.30 8.10 13.34
CA ASN B 185 -29.20 7.72 14.42
C ASN B 185 -28.47 7.24 15.67
N LEU B 186 -27.17 6.98 15.59
CA LEU B 186 -26.38 6.55 16.74
C LEU B 186 -25.51 7.70 17.21
N THR B 187 -25.25 7.75 18.52
CA THR B 187 -24.47 8.86 19.02
C THR B 187 -23.01 8.71 18.65
N VAL B 188 -22.53 7.47 18.54
CA VAL B 188 -21.12 7.23 18.23
C VAL B 188 -20.73 7.86 16.90
N PHE B 189 -21.65 7.85 15.93
CA PHE B 189 -21.34 8.27 14.57
C PHE B 189 -21.77 9.69 14.25
N TRP B 190 -22.34 10.41 15.21
CA TRP B 190 -22.94 11.72 14.98
C TRP B 190 -23.38 12.26 16.32
N LYS B 191 -22.64 13.21 16.89
CA LYS B 191 -22.76 13.49 18.32
C LYS B 191 -24.19 13.88 18.68
N ASP B 192 -24.67 13.27 19.77
CA ASP B 192 -26.03 13.44 20.26
C ASP B 192 -27.06 12.79 19.35
N ALA B 193 -26.63 12.30 18.18
CA ALA B 193 -27.56 11.69 17.22
C ALA B 193 -28.64 12.68 16.78
N ASN B 194 -28.31 13.97 16.86
CA ASN B 194 -29.20 15.07 16.49
C ASN B 194 -29.80 14.92 15.10
N GLN B 195 -31.02 14.39 15.04
CA GLN B 195 -31.69 14.23 13.75
C GLN B 195 -31.94 15.58 13.09
N ALA B 196 -32.25 16.60 13.88
CA ALA B 196 -32.44 17.91 13.27
C ALA B 196 -31.15 18.41 12.64
N GLU B 197 -30.03 18.32 13.39
CA GLU B 197 -28.75 18.79 12.87
C GLU B 197 -28.32 18.01 11.64
N TYR B 198 -28.44 16.68 11.68
CA TYR B 198 -28.08 15.89 10.51
C TYR B 198 -28.88 16.32 9.29
N PHE B 199 -30.16 16.65 9.48
CA PHE B 199 -30.96 17.15 8.35
C PHE B 199 -30.33 18.40 7.76
N LYS B 200 -29.75 19.26 8.60
CA LYS B 200 -29.10 20.47 8.12
C LYS B 200 -27.88 20.11 7.29
N LEU B 201 -27.00 19.29 7.87
CA LEU B 201 -25.81 18.81 7.16
C LEU B 201 -26.18 18.17 5.83
N TYR B 202 -27.23 17.34 5.83
CA TYR B 202 -27.69 16.76 4.57
C TYR B 202 -28.11 17.83 3.58
N GLU B 203 -28.75 18.90 4.06
CA GLU B 203 -29.27 19.89 3.11
C GLU B 203 -28.13 20.67 2.48
N VAL B 204 -27.19 21.16 3.30
CA VAL B 204 -26.09 21.94 2.77
C VAL B 204 -25.23 21.12 1.81
N THR B 205 -24.91 19.88 2.21
CA THR B 205 -24.10 18.99 1.40
C THR B 205 -24.78 18.69 0.05
N VAL B 206 -26.08 18.42 0.07
CA VAL B 206 -26.70 17.84 -1.12
C VAL B 206 -26.82 18.87 -2.22
N LYS B 207 -27.17 20.10 -1.88
CA LYS B 207 -27.29 21.04 -2.98
C LYS B 207 -25.97 21.72 -3.30
N ALA B 208 -24.92 21.46 -2.50
CA ALA B 208 -23.58 21.80 -2.96
C ALA B 208 -23.17 20.92 -4.13
N ILE B 209 -23.18 19.59 -3.91
CA ILE B 209 -22.93 18.60 -4.93
C ILE B 209 -23.75 18.94 -6.17
N LYS B 210 -25.05 19.17 -5.97
CA LYS B 210 -25.93 19.38 -7.10
C LYS B 210 -25.61 20.69 -7.82
N GLU B 211 -25.12 21.70 -7.10
CA GLU B 211 -24.75 22.95 -7.75
C GLU B 211 -23.57 22.75 -8.70
N VAL B 212 -22.69 21.80 -8.37
CA VAL B 212 -21.56 21.52 -9.26
C VAL B 212 -22.03 20.71 -10.45
N ASN B 213 -22.76 19.63 -10.21
CA ASN B 213 -23.38 18.91 -11.32
C ASN B 213 -24.66 18.28 -10.77
N GLU B 214 -25.81 18.75 -11.25
CA GLU B 214 -27.06 18.27 -10.73
C GLU B 214 -27.36 16.83 -11.12
N ASN B 215 -26.73 16.31 -12.18
CA ASN B 215 -26.97 14.93 -12.55
C ASN B 215 -26.26 13.92 -11.65
N ILE B 216 -25.61 14.38 -10.57
CA ILE B 216 -24.99 13.47 -9.61
C ILE B 216 -26.06 12.97 -8.63
N LYS B 217 -26.37 11.68 -8.69
CA LYS B 217 -27.41 11.11 -7.84
C LYS B 217 -26.94 11.04 -6.39
N VAL B 218 -27.71 11.63 -5.48
CA VAL B 218 -27.36 11.74 -4.07
C VAL B 218 -28.44 11.04 -3.23
N GLY B 219 -28.13 10.77 -1.97
CA GLY B 219 -29.07 10.03 -1.14
C GLY B 219 -28.60 9.93 0.31
N GLY B 220 -29.39 9.16 1.09
CA GLY B 220 -29.23 9.05 2.53
C GLY B 220 -30.28 8.14 3.16
N PRO B 221 -30.36 8.08 4.51
CA PRO B 221 -29.52 8.67 5.56
C PRO B 221 -28.61 7.65 6.24
N ALA B 222 -28.50 6.44 5.67
CA ALA B 222 -27.48 5.45 6.07
C ALA B 222 -27.51 5.15 7.55
N ILE B 223 -28.72 5.04 8.11
CA ILE B 223 -28.92 4.64 9.50
C ILE B 223 -28.89 3.12 9.58
N CYS B 224 -28.77 2.59 10.79
CA CYS B 224 -28.90 1.15 10.99
C CYS B 224 -30.31 0.82 11.49
N GLY B 225 -30.53 -0.47 11.80
CA GLY B 225 -31.83 -0.91 12.22
C GLY B 225 -32.22 -0.44 13.61
N GLY B 226 -33.54 -0.33 13.81
CA GLY B 226 -34.10 0.04 15.10
C GLY B 226 -34.47 1.51 15.27
N SER B 227 -34.62 2.26 14.17
CA SER B 227 -35.06 3.65 14.19
C SER B 227 -35.67 4.05 12.83
N ASP B 228 -36.56 3.20 12.30
CA ASP B 228 -37.11 3.45 10.96
C ASP B 228 -38.04 4.65 10.92
N TYR B 229 -38.27 5.36 12.04
CA TYR B 229 -38.99 6.63 11.93
C TYR B 229 -38.13 7.67 11.22
N TRP B 230 -36.80 7.60 11.41
CA TRP B 230 -35.87 8.44 10.66
C TRP B 230 -36.16 8.37 9.16
N ILE B 231 -36.51 7.19 8.65
CA ILE B 231 -36.72 7.03 7.22
C ILE B 231 -37.78 8.02 6.73
N THR B 232 -39.04 7.88 7.17
CA THR B 232 -40.08 8.77 6.62
C THR B 232 -39.99 10.15 7.23
N ASP B 233 -39.30 10.31 8.38
CA ASP B 233 -38.92 11.64 8.85
C ASP B 233 -38.07 12.34 7.81
N PHE B 234 -36.89 11.79 7.60
CA PHE B 234 -35.99 12.22 6.52
C PHE B 234 -36.73 12.34 5.20
N LEU B 235 -37.41 11.27 4.78
CA LEU B 235 -38.07 11.26 3.48
C LEU B 235 -39.07 12.40 3.33
N ASN B 236 -39.82 12.69 4.40
CA ASN B 236 -40.80 13.76 4.32
C ASN B 236 -40.13 15.12 4.43
N PHE B 237 -39.10 15.21 5.27
CA PHE B 237 -38.30 16.44 5.35
C PHE B 237 -37.84 16.88 3.97
N CYS B 238 -37.47 15.93 3.13
CA CYS B 238 -37.00 16.29 1.79
C CYS B 238 -38.14 16.63 0.85
N TYR B 239 -39.30 15.96 0.97
CA TYR B 239 -40.46 16.36 0.19
C TYR B 239 -40.95 17.75 0.60
N LYS B 240 -41.08 17.99 1.90
CA LYS B 240 -41.57 19.24 2.47
C LYS B 240 -40.95 20.46 1.82
N ASN B 241 -39.66 20.69 2.06
CA ASN B 241 -38.95 21.81 1.48
C ASN B 241 -37.83 21.29 0.59
N ASN B 242 -37.49 22.10 -0.41
CA ASN B 242 -36.43 21.84 -1.39
C ASN B 242 -35.78 20.46 -1.58
N VAL B 243 -34.67 20.25 -0.87
CA VAL B 243 -33.84 19.03 -0.86
C VAL B 243 -34.15 17.83 -1.78
N PRO B 244 -33.38 17.67 -2.86
CA PRO B 244 -33.49 16.56 -3.79
C PRO B 244 -32.95 15.32 -3.19
N VAL B 245 -33.52 14.16 -3.48
CA VAL B 245 -33.10 12.83 -3.00
C VAL B 245 -33.32 11.82 -4.12
N ASP B 246 -32.27 11.08 -4.46
CA ASP B 246 -32.38 10.13 -5.55
C ASP B 246 -32.33 8.68 -5.10
N PHE B 247 -32.07 8.41 -3.83
CA PHE B 247 -32.08 7.04 -3.33
C PHE B 247 -32.01 7.04 -1.81
N LEU B 248 -32.36 5.89 -1.23
CA LEU B 248 -32.36 5.70 0.22
C LEU B 248 -31.28 4.72 0.63
N THR B 249 -30.68 4.94 1.80
CA THR B 249 -29.61 4.08 2.29
C THR B 249 -29.88 3.68 3.73
N ARG B 250 -29.51 2.45 4.07
CA ARG B 250 -29.76 1.87 5.39
C ARG B 250 -28.85 0.66 5.52
N HIS B 251 -28.51 0.32 6.75
CA HIS B 251 -27.74 -0.90 7.01
C HIS B 251 -28.62 -1.98 7.64
N ALA B 252 -28.16 -3.21 7.51
CA ALA B 252 -28.99 -4.37 7.85
C ALA B 252 -28.11 -5.46 8.45
N TYR B 253 -28.14 -5.59 9.78
CA TYR B 253 -27.48 -6.68 10.48
C TYR B 253 -28.49 -7.49 11.30
N THR B 254 -27.98 -8.54 11.96
CA THR B 254 -28.81 -9.44 12.74
C THR B 254 -28.17 -9.81 14.06
N GLY B 255 -27.18 -9.06 14.53
CA GLY B 255 -26.46 -9.42 15.74
C GLY B 255 -27.23 -9.01 16.97
N LYS B 256 -27.36 -9.94 17.90
CA LYS B 256 -28.00 -9.65 19.18
C LYS B 256 -26.97 -8.97 20.10
N PRO B 257 -27.43 -8.32 21.17
CA PRO B 257 -26.49 -7.58 22.05
C PRO B 257 -25.26 -8.43 22.40
N PRO B 258 -24.09 -7.81 22.44
CA PRO B 258 -22.85 -8.60 22.37
C PRO B 258 -22.11 -8.72 23.69
N ILE B 259 -21.38 -9.83 23.83
CA ILE B 259 -20.37 -9.99 24.86
C ILE B 259 -19.07 -9.38 24.35
N TYR B 260 -18.30 -8.73 25.23
CA TYR B 260 -17.04 -8.13 24.83
C TYR B 260 -15.87 -8.82 25.52
N THR B 261 -14.68 -8.59 24.97
CA THR B 261 -13.45 -9.24 25.38
C THR B 261 -12.29 -8.48 24.78
N PRO B 262 -11.19 -8.35 25.49
CA PRO B 262 -10.01 -7.67 24.92
C PRO B 262 -9.54 -8.26 23.60
N HIS B 263 -9.90 -9.51 23.30
CA HIS B 263 -9.59 -10.09 22.01
C HIS B 263 -10.80 -10.35 21.13
N PHE B 264 -11.98 -10.57 21.70
CA PHE B 264 -13.11 -11.00 20.88
C PHE B 264 -14.36 -10.19 21.13
N VAL B 265 -15.26 -10.22 20.15
CA VAL B 265 -16.64 -9.83 20.35
C VAL B 265 -17.50 -10.99 19.87
N TYR B 266 -18.36 -11.49 20.74
CA TYR B 266 -19.22 -12.63 20.41
C TYR B 266 -20.67 -12.20 20.36
N GLN B 267 -21.37 -12.66 19.35
CA GLN B 267 -22.76 -12.26 19.15
C GLN B 267 -23.56 -13.48 18.73
N ASP B 268 -24.78 -13.60 19.25
CA ASP B 268 -25.77 -14.49 18.64
C ASP B 268 -26.52 -13.68 17.57
N VAL B 269 -27.34 -14.36 16.78
CA VAL B 269 -27.96 -13.71 15.62
C VAL B 269 -29.38 -14.21 15.42
N HIS B 270 -30.26 -13.30 15.00
CA HIS B 270 -31.62 -13.66 14.61
C HIS B 270 -31.54 -14.58 13.39
N PRO B 271 -32.61 -15.22 12.96
CA PRO B 271 -32.53 -16.00 11.73
C PRO B 271 -32.45 -15.07 10.54
N ILE B 272 -31.92 -15.58 9.43
CA ILE B 272 -31.70 -14.71 8.28
C ILE B 272 -33.01 -14.06 7.82
N GLU B 273 -34.15 -14.72 8.07
CA GLU B 273 -35.45 -14.14 7.71
C GLU B 273 -35.63 -12.74 8.27
N TYR B 274 -35.00 -12.44 9.41
CA TYR B 274 -35.11 -11.15 10.07
C TYR B 274 -34.78 -10.02 9.10
N MET B 275 -33.54 -9.97 8.65
CA MET B 275 -33.17 -8.88 7.77
C MET B 275 -33.86 -9.00 6.41
N LEU B 276 -34.03 -10.21 5.91
CA LEU B 276 -34.75 -10.33 4.64
C LEU B 276 -36.14 -9.71 4.75
N ASN B 277 -36.75 -9.78 5.94
CA ASN B 277 -38.01 -9.07 6.15
C ASN B 277 -37.79 -7.60 6.44
N GLU B 278 -36.67 -7.26 7.10
CA GLU B 278 -36.31 -5.85 7.27
C GLU B 278 -36.20 -5.15 5.92
N PHE B 279 -35.64 -5.84 4.91
CA PHE B 279 -35.62 -5.30 3.56
C PHE B 279 -37.03 -4.93 3.11
N LYS B 280 -37.96 -5.88 3.26
CA LYS B 280 -39.32 -5.74 2.72
C LYS B 280 -40.08 -4.58 3.36
N THR B 281 -40.02 -4.45 4.69
CA THR B 281 -40.74 -3.37 5.33
C THR B 281 -40.15 -2.00 4.99
N VAL B 282 -38.88 -1.96 4.59
CA VAL B 282 -38.27 -0.73 4.13
C VAL B 282 -38.72 -0.39 2.72
N ARG B 283 -38.82 -1.40 1.84
CA ARG B 283 -39.46 -1.18 0.54
C ARG B 283 -40.87 -0.64 0.72
N GLU B 284 -41.64 -1.25 1.63
CA GLU B 284 -43.00 -0.78 1.91
C GLU B 284 -42.99 0.69 2.30
N MET B 285 -42.16 1.04 3.28
CA MET B 285 -42.10 2.43 3.74
C MET B 285 -41.88 3.41 2.60
N VAL B 286 -41.10 3.03 1.59
CA VAL B 286 -40.92 3.94 0.47
C VAL B 286 -42.03 3.80 -0.56
N LYS B 287 -42.63 2.61 -0.67
CA LYS B 287 -43.83 2.47 -1.49
C LYS B 287 -44.93 3.40 -0.99
N ASN B 288 -45.00 3.64 0.32
CA ASN B 288 -45.99 4.53 0.92
C ASN B 288 -45.47 5.93 1.14
N SER B 289 -44.23 6.22 0.78
CA SER B 289 -43.67 7.52 1.11
C SER B 289 -43.83 8.48 -0.07
N PRO B 290 -43.39 9.73 0.06
CA PRO B 290 -43.51 10.68 -1.06
C PRO B 290 -42.87 10.26 -2.36
N PHE B 291 -41.90 9.34 -2.32
CA PHE B 291 -41.17 8.93 -3.51
C PHE B 291 -41.41 7.44 -3.67
N PRO B 292 -42.56 7.06 -4.24
CA PRO B 292 -42.93 5.63 -4.28
C PRO B 292 -42.01 4.78 -5.12
N ASN B 293 -41.18 5.40 -5.98
CA ASN B 293 -40.23 4.65 -6.80
C ASN B 293 -38.79 4.99 -6.43
N LEU B 294 -38.57 5.46 -5.20
CA LEU B 294 -37.22 5.74 -4.72
C LEU B 294 -36.40 4.45 -4.69
N PRO B 295 -35.23 4.41 -5.33
CA PRO B 295 -34.37 3.23 -5.21
C PRO B 295 -33.78 3.14 -3.81
N ILE B 296 -33.44 1.91 -3.44
CA ILE B 296 -33.04 1.57 -2.08
C ILE B 296 -31.68 0.88 -2.11
N HIS B 297 -30.76 1.35 -1.29
CA HIS B 297 -29.38 0.85 -1.28
C HIS B 297 -29.00 0.46 0.14
N ILE B 298 -28.92 -0.85 0.40
CA ILE B 298 -28.45 -1.35 1.68
C ILE B 298 -26.92 -1.30 1.63
N THR B 299 -26.36 -0.20 2.15
CA THR B 299 -24.94 0.08 1.96
C THR B 299 -24.05 -0.68 2.92
N GLU B 300 -24.61 -1.31 3.95
CA GLU B 300 -23.88 -2.27 4.77
C GLU B 300 -24.79 -3.45 5.06
N PHE B 301 -24.23 -4.66 5.07
CA PHE B 301 -24.95 -5.79 5.65
C PHE B 301 -23.99 -6.92 5.95
N ASN B 302 -24.21 -7.55 7.10
CA ASN B 302 -23.55 -8.79 7.51
C ASN B 302 -24.42 -9.44 8.57
N SER B 303 -23.98 -10.59 9.07
CA SER B 303 -24.62 -11.11 10.27
C SER B 303 -24.24 -10.21 11.45
N SER B 304 -23.15 -10.51 12.13
CA SER B 304 -22.72 -9.66 13.23
C SER B 304 -22.01 -8.40 12.73
N TYR B 305 -22.13 -7.30 13.50
CA TYR B 305 -21.64 -5.99 13.11
C TYR B 305 -20.35 -5.58 13.86
N HIS B 306 -19.46 -6.53 14.18
CA HIS B 306 -18.22 -6.14 14.83
C HIS B 306 -17.01 -6.78 14.17
N PRO B 307 -15.92 -6.02 13.99
CA PRO B 307 -14.73 -6.53 13.29
C PRO B 307 -13.97 -7.61 14.03
N LEU B 308 -14.27 -7.90 15.29
CA LEU B 308 -13.52 -8.91 16.02
C LEU B 308 -14.41 -10.09 16.42
N CYS B 309 -15.38 -10.42 15.58
CA CYS B 309 -16.35 -11.49 15.84
C CYS B 309 -16.11 -12.69 14.95
N PRO B 310 -15.58 -13.77 15.47
CA PRO B 310 -15.18 -14.92 14.64
C PRO B 310 -16.27 -15.51 13.76
N ILE B 311 -17.53 -15.10 13.94
CA ILE B 311 -18.60 -15.65 13.11
C ILE B 311 -18.30 -15.43 11.64
N HIS B 312 -17.64 -14.32 11.29
CA HIS B 312 -17.41 -13.97 9.89
C HIS B 312 -16.46 -14.93 9.21
N ASP B 313 -15.72 -15.71 9.97
CA ASP B 313 -14.76 -16.64 9.39
C ASP B 313 -15.34 -18.02 9.15
N THR B 314 -16.64 -18.23 9.45
CA THR B 314 -17.12 -19.60 9.62
C THR B 314 -17.89 -20.05 8.40
N PRO B 315 -17.93 -21.35 8.14
CA PRO B 315 -18.94 -21.87 7.21
C PRO B 315 -20.35 -21.37 7.50
N PHE B 316 -20.70 -21.18 8.77
CA PHE B 316 -22.04 -20.73 9.10
C PHE B 316 -22.39 -19.48 8.32
N ASN B 317 -21.57 -18.44 8.45
CA ASN B 317 -21.91 -17.14 7.87
C ASN B 317 -22.10 -17.22 6.37
N ALA B 318 -21.42 -18.14 5.68
CA ALA B 318 -21.68 -18.35 4.25
C ALA B 318 -23.07 -18.92 4.04
N ALA B 319 -23.42 -19.98 4.76
CA ALA B 319 -24.75 -20.55 4.62
C ALA B 319 -25.81 -19.63 5.21
N TYR B 320 -25.47 -18.94 6.30
CA TYR B 320 -26.40 -17.99 6.88
C TYR B 320 -26.76 -16.88 5.90
N LEU B 321 -25.82 -16.49 5.04
CA LEU B 321 -26.04 -15.29 4.22
C LEU B 321 -26.45 -15.60 2.78
N ALA B 322 -26.27 -16.84 2.31
CA ALA B 322 -26.70 -17.21 0.96
C ALA B 322 -28.08 -16.66 0.62
N ARG B 323 -29.04 -16.80 1.53
CA ARG B 323 -30.41 -16.39 1.21
C ARG B 323 -30.53 -14.89 0.92
N VAL B 324 -29.66 -14.05 1.50
CA VAL B 324 -29.72 -12.65 1.13
C VAL B 324 -29.38 -12.46 -0.34
N LEU B 325 -28.50 -13.29 -0.89
CA LEU B 325 -28.14 -13.14 -2.30
C LEU B 325 -29.25 -13.70 -3.18
N SER B 326 -29.99 -14.67 -2.67
CA SER B 326 -31.10 -15.27 -3.41
C SER B 326 -32.28 -14.33 -3.57
N GLU B 327 -32.76 -13.72 -2.48
CA GLU B 327 -34.04 -13.02 -2.52
C GLU B 327 -33.95 -11.51 -2.35
N GLY B 328 -32.93 -11.00 -1.64
CA GLY B 328 -32.84 -9.58 -1.33
C GLY B 328 -33.03 -8.67 -2.52
N GLY B 329 -32.64 -9.12 -3.71
CA GLY B 329 -32.82 -8.31 -4.90
C GLY B 329 -34.26 -8.08 -5.31
N ASP B 330 -35.20 -8.78 -4.69
CA ASP B 330 -36.62 -8.53 -4.95
C ASP B 330 -37.16 -7.33 -4.16
N TYR B 331 -36.36 -6.68 -3.31
CA TYR B 331 -36.88 -5.58 -2.53
C TYR B 331 -35.96 -4.37 -2.61
N VAL B 332 -34.67 -4.60 -2.81
CA VAL B 332 -33.68 -3.53 -2.76
C VAL B 332 -32.85 -3.57 -4.03
N ASP B 333 -32.43 -2.39 -4.48
CA ASP B 333 -31.60 -2.28 -5.67
C ASP B 333 -30.18 -2.76 -5.44
N SER B 334 -29.71 -2.75 -4.20
CA SER B 334 -28.34 -3.10 -3.87
C SER B 334 -28.22 -3.45 -2.40
N PHE B 335 -27.28 -4.30 -2.11
CA PHE B 335 -26.97 -4.64 -0.73
C PHE B 335 -25.50 -5.05 -0.70
N SER B 336 -24.67 -4.24 -0.06
CA SER B 336 -23.22 -4.36 -0.22
C SER B 336 -22.66 -5.07 1.00
N TYR B 337 -22.07 -6.24 0.76
CA TYR B 337 -21.46 -6.96 1.86
C TYR B 337 -20.33 -6.16 2.49
N TRP B 338 -20.52 -5.75 3.73
CA TRP B 338 -19.47 -5.17 4.56
C TRP B 338 -18.63 -6.30 5.13
N THR B 339 -17.46 -6.60 4.56
CA THR B 339 -16.66 -5.87 3.54
C THR B 339 -15.90 -6.85 2.64
N PHE B 340 -15.31 -6.36 1.54
CA PHE B 340 -14.65 -7.29 0.62
C PHE B 340 -13.40 -7.94 1.23
N SER B 341 -12.73 -7.31 2.21
CA SER B 341 -11.54 -7.93 2.75
C SER B 341 -11.30 -7.50 4.20
N ASP B 342 -10.41 -8.23 4.86
CA ASP B 342 -10.02 -7.98 6.24
C ASP B 342 -9.10 -6.79 6.41
N VAL B 343 -8.75 -6.09 5.32
CA VAL B 343 -7.98 -4.87 5.46
C VAL B 343 -8.86 -3.85 6.16
N PHE B 344 -8.74 -3.79 7.48
CA PHE B 344 -9.64 -3.06 8.34
C PHE B 344 -8.84 -2.52 9.51
N GLU B 345 -9.34 -1.45 10.13
CA GLU B 345 -8.65 -0.85 11.26
C GLU B 345 -9.57 -0.21 12.30
N GLU B 346 -10.89 -0.40 12.16
CA GLU B 346 -11.79 0.19 13.15
C GLU B 346 -11.53 -0.35 14.55
N ALA B 347 -11.10 -1.61 14.66
CA ALA B 347 -10.82 -2.19 15.96
C ALA B 347 -9.33 -2.43 16.15
N ASP B 348 -8.51 -1.42 15.81
CA ASP B 348 -7.04 -1.51 15.77
C ASP B 348 -6.58 -2.56 14.76
N VAL B 349 -5.30 -2.90 14.79
CA VAL B 349 -4.68 -3.76 13.79
C VAL B 349 -4.94 -5.21 14.14
N PRO B 350 -5.63 -5.98 13.29
CA PRO B 350 -5.82 -7.42 13.56
C PRO B 350 -4.60 -8.12 14.16
N ARG B 351 -4.81 -8.98 15.15
CA ARG B 351 -3.72 -9.60 15.88
C ARG B 351 -3.51 -11.06 15.51
N SER B 352 -4.27 -11.56 14.54
CA SER B 352 -4.21 -12.95 14.15
C SER B 352 -4.81 -13.05 12.76
N LEU B 353 -4.33 -14.04 12.00
CA LEU B 353 -4.81 -14.21 10.65
C LEU B 353 -6.32 -14.22 10.60
N PHE B 354 -6.93 -15.19 11.27
CA PHE B 354 -8.36 -15.18 11.50
C PHE B 354 -8.64 -14.53 12.85
N HIS B 355 -9.50 -13.53 12.82
CA HIS B 355 -9.77 -12.72 13.98
C HIS B 355 -11.22 -12.24 13.94
N GLY B 356 -12.02 -12.76 13.01
CA GLY B 356 -13.40 -12.35 12.90
C GLY B 356 -13.60 -11.02 12.21
N GLY B 357 -12.68 -10.62 11.34
CA GLY B 357 -12.89 -9.46 10.53
C GLY B 357 -13.99 -9.68 9.50
N PHE B 358 -14.45 -8.57 8.93
CA PHE B 358 -15.62 -8.61 8.06
C PHE B 358 -15.34 -9.23 6.70
N GLY B 359 -14.10 -9.28 6.26
CA GLY B 359 -13.85 -9.44 4.84
C GLY B 359 -14.27 -10.79 4.26
N LEU B 360 -14.77 -10.75 3.02
CA LEU B 360 -14.86 -11.96 2.21
C LEU B 360 -13.52 -12.67 2.13
N VAL B 361 -12.43 -11.89 2.04
CA VAL B 361 -11.10 -12.43 1.87
C VAL B 361 -10.29 -12.10 3.11
N ALA B 362 -9.54 -13.07 3.62
CA ALA B 362 -8.59 -12.84 4.69
C ALA B 362 -7.20 -12.56 4.13
N PHE B 363 -6.32 -12.05 4.99
CA PHE B 363 -4.99 -11.64 4.56
C PHE B 363 -4.31 -12.74 3.78
N HIS B 364 -3.49 -12.33 2.82
CA HIS B 364 -2.77 -13.21 1.91
C HIS B 364 -3.67 -13.70 0.80
N ASN B 365 -4.76 -12.98 0.56
CA ASN B 365 -5.73 -13.41 -0.42
C ASN B 365 -6.19 -14.84 -0.14
N ILE B 366 -6.52 -15.12 1.12
CA ILE B 366 -7.06 -16.42 1.51
C ILE B 366 -8.57 -16.29 1.61
N PRO B 367 -9.34 -16.97 0.75
CA PRO B 367 -10.80 -16.76 0.73
C PRO B 367 -11.50 -17.44 1.90
N LYS B 368 -12.41 -16.71 2.52
CA LYS B 368 -13.27 -17.28 3.55
C LYS B 368 -14.42 -18.02 2.86
N PRO B 369 -15.15 -18.86 3.59
CA PRO B 369 -16.24 -19.61 2.93
C PRO B 369 -17.25 -18.69 2.26
N VAL B 370 -17.55 -17.56 2.90
CA VAL B 370 -18.54 -16.64 2.34
C VAL B 370 -18.17 -16.21 0.92
N PHE B 371 -16.88 -16.02 0.65
CA PHE B 371 -16.41 -15.63 -0.68
C PHE B 371 -16.84 -16.64 -1.74
N HIS B 372 -16.56 -17.91 -1.49
CA HIS B 372 -16.98 -18.95 -2.41
C HIS B 372 -18.48 -18.93 -2.62
N MET B 373 -19.23 -18.62 -1.56
CA MET B 373 -20.67 -18.49 -1.71
C MET B 373 -21.01 -17.41 -2.73
N PHE B 374 -20.30 -16.29 -2.69
CA PHE B 374 -20.56 -15.22 -3.66
C PHE B 374 -20.24 -15.68 -5.09
N THR B 375 -19.13 -16.39 -5.28
CA THR B 375 -18.77 -16.79 -6.63
C THR B 375 -19.72 -17.84 -7.19
N PHE B 376 -20.53 -18.46 -6.32
CA PHE B 376 -21.51 -19.42 -6.79
C PHE B 376 -22.61 -18.71 -7.58
N PHE B 377 -22.94 -17.49 -7.19
CA PHE B 377 -24.00 -16.76 -7.84
C PHE B 377 -23.61 -16.23 -9.22
N ASN B 378 -22.34 -16.33 -9.62
CA ASN B 378 -22.03 -16.09 -11.01
C ASN B 378 -22.77 -17.07 -11.92
N ALA B 379 -23.03 -18.27 -11.44
CA ALA B 379 -23.52 -19.32 -12.31
C ALA B 379 -24.99 -19.17 -12.67
N MET B 380 -25.72 -18.31 -11.95
CA MET B 380 -27.15 -18.15 -12.14
C MET B 380 -27.49 -17.30 -13.36
N GLY B 381 -28.41 -17.82 -14.19
CA GLY B 381 -29.07 -17.01 -15.18
C GLY B 381 -30.17 -16.16 -14.56
N GLU B 382 -30.85 -15.39 -15.40
CA GLU B 382 -31.92 -14.53 -14.92
C GLU B 382 -33.26 -15.24 -14.77
N LYS B 383 -33.47 -16.36 -15.46
CA LYS B 383 -34.73 -17.07 -15.42
C LYS B 383 -34.72 -18.09 -14.28
N ILE B 384 -35.47 -17.81 -13.22
CA ILE B 384 -35.60 -18.69 -12.06
C ILE B 384 -36.55 -19.84 -12.39
N LEU B 385 -36.07 -21.07 -12.25
CA LEU B 385 -36.98 -22.19 -12.42
C LEU B 385 -37.75 -22.51 -11.14
N TYR B 386 -37.11 -22.36 -9.98
CA TYR B 386 -37.77 -22.62 -8.70
C TYR B 386 -36.94 -21.99 -7.60
N ARG B 387 -37.60 -21.60 -6.51
CA ARG B 387 -36.88 -20.91 -5.44
C ARG B 387 -37.67 -21.02 -4.14
N ASP B 388 -36.98 -21.33 -3.04
CA ASP B 388 -37.59 -21.22 -1.71
C ASP B 388 -36.52 -20.81 -0.70
N ASP B 389 -36.78 -21.10 0.57
CA ASP B 389 -35.95 -20.64 1.66
C ASP B 389 -34.52 -21.19 1.62
N HIS B 390 -34.28 -22.24 0.84
CA HIS B 390 -32.98 -22.91 0.93
C HIS B 390 -32.46 -23.44 -0.42
N ILE B 391 -32.95 -22.89 -1.53
CA ILE B 391 -32.48 -23.30 -2.84
C ILE B 391 -32.91 -22.25 -3.86
N LEU B 392 -32.24 -22.23 -5.00
CA LEU B 392 -32.51 -21.32 -6.10
C LEU B 392 -32.01 -22.02 -7.35
N ILE B 393 -32.91 -22.27 -8.31
CA ILE B 393 -32.55 -22.98 -9.54
C ILE B 393 -32.79 -22.03 -10.70
N THR B 394 -31.87 -22.02 -11.65
CA THR B 394 -31.96 -21.06 -12.73
C THR B 394 -31.54 -21.71 -14.03
N GLU B 395 -31.96 -21.05 -15.11
CA GLU B 395 -31.60 -21.44 -16.47
C GLU B 395 -30.79 -20.31 -17.09
N ARG B 396 -29.71 -20.66 -17.74
CA ARG B 396 -28.83 -19.69 -18.37
C ARG B 396 -29.12 -19.61 -19.87
N GLU B 397 -28.77 -18.47 -20.49
CA GLU B 397 -29.27 -18.20 -21.84
C GLU B 397 -28.88 -19.28 -22.84
N ASP B 398 -27.82 -20.03 -22.58
CA ASP B 398 -27.52 -21.18 -23.41
C ASP B 398 -28.39 -22.37 -23.11
N LYS B 399 -29.46 -22.15 -22.36
CA LYS B 399 -30.41 -23.20 -21.99
C LYS B 399 -29.70 -24.34 -21.23
N SER B 400 -29.01 -23.96 -20.15
CA SER B 400 -28.45 -24.89 -19.19
C SER B 400 -28.88 -24.46 -17.80
N VAL B 401 -28.82 -25.41 -16.87
CA VAL B 401 -29.46 -25.26 -15.57
C VAL B 401 -28.39 -25.28 -14.49
N ALA B 402 -28.65 -24.53 -13.44
CA ALA B 402 -27.73 -24.44 -12.33
C ALA B 402 -28.53 -24.02 -11.12
N LEU B 403 -28.07 -24.46 -9.94
CA LEU B 403 -28.73 -24.09 -8.70
C LEU B 403 -27.72 -23.96 -7.58
N ILE B 404 -28.08 -23.16 -6.59
CA ILE B 404 -27.35 -23.04 -5.32
C ILE B 404 -28.28 -23.49 -4.20
N ALA B 405 -27.85 -24.42 -3.39
CA ALA B 405 -28.55 -24.78 -2.16
C ALA B 405 -27.67 -24.50 -0.95
N TRP B 406 -28.28 -23.93 0.09
CA TRP B 406 -27.61 -23.70 1.38
C TRP B 406 -28.31 -24.43 2.52
N ASN B 407 -27.61 -24.54 3.65
CA ASN B 407 -28.05 -25.26 4.84
C ASN B 407 -27.38 -24.64 6.07
N GLU B 408 -27.84 -23.45 6.47
CA GLU B 408 -27.33 -22.89 7.72
C GLU B 408 -27.94 -23.63 8.91
N VAL B 409 -27.16 -23.75 9.97
CA VAL B 409 -27.51 -24.55 11.13
C VAL B 409 -27.05 -23.79 12.36
N MET B 410 -27.98 -23.12 13.05
CA MET B 410 -27.61 -22.16 14.10
C MET B 410 -27.20 -22.82 15.43
N THR B 411 -27.54 -24.09 15.67
CA THR B 411 -27.43 -24.71 16.99
C THR B 411 -26.94 -26.15 16.86
N LYS B 412 -26.35 -26.67 17.94
CA LYS B 412 -26.02 -28.09 17.96
C LYS B 412 -27.29 -28.95 18.03
N GLU B 413 -28.33 -28.44 18.68
CA GLU B 413 -29.57 -29.19 18.97
C GLU B 413 -30.61 -28.94 17.90
N GLU B 414 -30.26 -29.24 16.66
CA GLU B 414 -31.07 -28.85 15.52
C GLU B 414 -31.07 -29.98 14.51
N ASN B 415 -31.95 -29.87 13.51
CA ASN B 415 -31.77 -30.68 12.32
C ASN B 415 -30.50 -30.21 11.62
N GLN B 416 -29.60 -31.15 11.34
CA GLN B 416 -28.29 -30.77 10.83
C GLN B 416 -28.19 -30.98 9.33
N GLU B 417 -28.15 -32.24 8.89
CA GLU B 417 -28.27 -32.47 7.45
C GLU B 417 -29.58 -31.90 6.94
N ARG B 418 -29.62 -31.58 5.65
CA ARG B 418 -30.82 -31.12 4.98
C ARG B 418 -30.76 -31.74 3.61
N LYS B 419 -31.80 -32.52 3.25
CA LYS B 419 -31.89 -33.37 2.04
C LYS B 419 -32.66 -32.82 0.84
N TYR B 420 -32.29 -33.24 -0.37
CA TYR B 420 -32.76 -32.73 -1.65
C TYR B 420 -32.89 -33.89 -2.63
N ARG B 421 -34.00 -33.88 -3.37
CA ARG B 421 -34.18 -34.75 -4.52
C ARG B 421 -34.88 -33.92 -5.58
N ILE B 422 -34.20 -33.73 -6.71
CA ILE B 422 -34.64 -32.79 -7.73
C ILE B 422 -34.67 -33.50 -9.08
N GLU B 423 -35.77 -33.31 -9.81
CA GLU B 423 -35.93 -33.92 -11.13
C GLU B 423 -36.02 -32.79 -12.15
N ILE B 424 -35.21 -32.89 -13.19
CA ILE B 424 -34.97 -31.81 -14.15
C ILE B 424 -35.23 -32.34 -15.56
N PRO B 425 -36.02 -31.64 -16.36
CA PRO B 425 -36.19 -32.05 -17.76
C PRO B 425 -35.01 -31.58 -18.61
N VAL B 426 -34.52 -32.47 -19.48
CA VAL B 426 -33.44 -32.11 -20.39
C VAL B 426 -33.71 -32.67 -21.79
N ASP B 427 -33.57 -31.80 -22.80
CA ASP B 427 -33.78 -32.18 -24.18
C ASP B 427 -32.74 -33.15 -24.72
N TYR B 428 -31.57 -33.24 -24.11
CA TYR B 428 -30.45 -33.91 -24.73
C TYR B 428 -30.27 -35.31 -24.15
N LYS B 429 -29.41 -36.09 -24.81
CA LYS B 429 -29.19 -37.50 -24.48
C LYS B 429 -28.10 -37.71 -23.43
N GLU B 430 -27.01 -36.93 -23.49
CA GLU B 430 -25.89 -37.06 -22.57
C GLU B 430 -25.74 -35.79 -21.76
N VAL B 431 -25.60 -35.93 -20.45
CA VAL B 431 -25.54 -34.78 -19.56
C VAL B 431 -24.26 -34.83 -18.74
N PHE B 432 -23.82 -33.65 -18.31
CA PHE B 432 -22.59 -33.46 -17.54
C PHE B 432 -22.95 -32.60 -16.35
N ILE B 433 -22.55 -33.03 -15.17
CA ILE B 433 -22.83 -32.28 -13.94
C ILE B 433 -21.51 -32.01 -13.22
N LYS B 434 -21.31 -30.75 -12.84
CA LYS B 434 -20.20 -30.33 -12.02
C LYS B 434 -20.80 -29.83 -10.73
N GLN B 435 -20.23 -30.21 -9.60
CA GLN B 435 -20.71 -29.74 -8.32
C GLN B 435 -19.58 -29.07 -7.55
N LYS B 436 -19.91 -27.96 -6.90
CA LYS B 436 -18.98 -27.22 -6.07
C LYS B 436 -19.54 -27.23 -4.65
N LEU B 437 -18.88 -27.93 -3.74
CA LEU B 437 -19.32 -28.03 -2.36
C LEU B 437 -18.39 -27.28 -1.41
N ILE B 438 -18.98 -26.56 -0.44
CA ILE B 438 -18.26 -26.05 0.72
C ILE B 438 -19.08 -26.33 1.98
N ASP B 439 -18.39 -26.69 3.07
CA ASP B 439 -19.05 -26.87 4.35
C ASP B 439 -17.99 -26.78 5.45
N GLU B 440 -18.18 -27.53 6.53
CA GLU B 440 -17.20 -27.51 7.60
C GLU B 440 -15.97 -28.32 7.23
N GLU B 441 -16.10 -29.19 6.24
CA GLU B 441 -15.05 -30.10 5.84
C GLU B 441 -14.24 -29.58 4.64
N TYR B 442 -14.88 -28.83 3.76
CA TYR B 442 -14.32 -28.43 2.48
C TYR B 442 -14.45 -26.92 2.32
N GLY B 443 -13.36 -26.28 1.90
CA GLY B 443 -13.32 -24.83 1.77
C GLY B 443 -13.33 -24.09 3.09
N ASN B 444 -12.67 -24.64 4.11
CA ASN B 444 -12.82 -24.16 5.48
C ASN B 444 -11.47 -23.90 6.14
N PRO B 445 -10.73 -22.90 5.66
CA PRO B 445 -9.38 -22.67 6.22
C PRO B 445 -9.39 -22.39 7.72
N TRP B 446 -10.42 -21.72 8.23
CA TRP B 446 -10.55 -21.53 9.66
C TRP B 446 -10.27 -22.82 10.43
N ARG B 447 -10.92 -23.91 10.03
CA ARG B 447 -10.74 -25.15 10.77
C ARG B 447 -9.31 -25.66 10.68
N THR B 448 -8.72 -25.64 9.47
CA THR B 448 -7.32 -26.05 9.36
C THR B 448 -6.41 -25.16 10.19
N TRP B 449 -6.77 -23.88 10.31
CA TRP B 449 -5.99 -22.98 11.11
C TRP B 449 -6.03 -23.41 12.58
N ILE B 450 -7.22 -23.80 13.06
CA ILE B 450 -7.33 -24.35 14.41
C ILE B 450 -6.46 -25.59 14.57
N GLN B 451 -6.47 -26.48 13.59
CA GLN B 451 -5.63 -27.66 13.70
C GLN B 451 -4.17 -27.26 13.85
N MET B 452 -3.72 -26.23 13.12
CA MET B 452 -2.32 -25.83 13.13
C MET B 452 -1.89 -25.17 14.45
N GLY B 453 -2.82 -24.63 15.23
CA GLY B 453 -2.45 -24.11 16.53
C GLY B 453 -3.02 -22.75 16.76
N ARG B 454 -4.02 -22.37 15.98
CA ARG B 454 -4.47 -20.99 15.84
C ARG B 454 -3.28 -20.01 15.70
N PRO B 455 -2.38 -20.22 14.75
CA PRO B 455 -1.18 -19.36 14.67
C PRO B 455 -1.56 -17.91 14.40
N ARG B 456 -1.10 -17.01 15.28
CA ARG B 456 -1.42 -15.59 15.13
C ARG B 456 -0.70 -15.00 13.92
N PHE B 457 0.54 -15.42 13.68
CA PHE B 457 1.39 -14.82 12.66
C PHE B 457 2.00 -15.95 11.84
N PRO B 458 1.21 -16.55 10.97
CA PRO B 458 1.62 -17.81 10.35
C PRO B 458 2.79 -17.67 9.39
N SER B 459 3.60 -18.72 9.33
CA SER B 459 4.75 -18.81 8.45
C SER B 459 4.31 -18.82 7.00
N LYS B 460 5.20 -19.01 6.07
CA LYS B 460 4.81 -18.98 4.70
C LYS B 460 4.21 -20.26 4.36
N LYS B 461 4.85 -21.31 4.74
CA LYS B 461 4.35 -22.65 4.45
C LYS B 461 3.02 -22.91 5.15
N GLN B 462 2.73 -22.21 6.25
CA GLN B 462 1.39 -22.29 6.82
C GLN B 462 0.37 -21.59 5.93
N ILE B 463 0.76 -20.45 5.36
CA ILE B 463 -0.13 -19.71 4.47
C ILE B 463 -0.43 -20.53 3.22
N GLU B 464 0.56 -21.25 2.69
CA GLU B 464 0.32 -21.96 1.45
C GLU B 464 -0.55 -23.17 1.69
N THR B 465 -0.50 -23.74 2.89
CA THR B 465 -1.44 -24.81 3.23
C THR B 465 -2.86 -24.27 3.34
N LEU B 466 -3.04 -23.13 4.00
CA LEU B 466 -4.35 -22.50 4.05
C LEU B 466 -4.91 -22.26 2.64
N ARG B 467 -4.06 -21.79 1.71
CA ARG B 467 -4.56 -21.58 0.36
C ARG B 467 -4.89 -22.90 -0.33
N GLU B 468 -4.10 -23.95 -0.11
CA GLU B 468 -4.38 -25.24 -0.75
C GLU B 468 -5.79 -25.74 -0.42
N VAL B 469 -6.26 -25.52 0.81
CA VAL B 469 -7.54 -26.05 1.25
C VAL B 469 -8.69 -25.05 1.14
N ALA B 470 -8.40 -23.75 1.03
CA ALA B 470 -9.44 -22.72 1.02
C ALA B 470 -10.07 -22.59 -0.37
N THR B 471 -10.63 -23.70 -0.85
CA THR B 471 -11.23 -23.82 -2.17
C THR B 471 -12.38 -24.82 -2.10
N PRO B 472 -13.44 -24.63 -2.89
CA PRO B 472 -14.56 -25.58 -2.84
C PRO B 472 -14.17 -26.95 -3.36
N LYS B 473 -14.86 -27.99 -2.84
CA LYS B 473 -14.67 -29.33 -3.41
C LYS B 473 -15.37 -29.41 -4.76
N VAL B 474 -14.69 -29.93 -5.76
CA VAL B 474 -15.22 -29.92 -7.12
C VAL B 474 -15.30 -31.34 -7.66
N THR B 475 -16.46 -31.71 -8.17
CA THR B 475 -16.73 -33.08 -8.56
C THR B 475 -17.60 -33.06 -9.81
N THR B 476 -17.29 -33.96 -10.75
CA THR B 476 -17.96 -34.02 -12.03
C THR B 476 -18.55 -35.41 -12.26
N PHE B 477 -19.69 -35.44 -12.98
CA PHE B 477 -20.39 -36.69 -13.31
C PHE B 477 -20.90 -36.65 -14.75
N ARG B 478 -20.97 -37.84 -15.37
CA ARG B 478 -21.60 -38.03 -16.67
C ARG B 478 -22.71 -39.08 -16.60
N LYS B 479 -23.82 -38.81 -17.28
CA LYS B 479 -25.01 -39.65 -17.18
C LYS B 479 -25.72 -39.67 -18.52
N THR B 480 -26.26 -40.84 -18.91
CA THR B 480 -27.23 -40.91 -20.00
C THR B 480 -28.61 -40.51 -19.50
N VAL B 481 -29.43 -39.97 -20.40
CA VAL B 481 -30.69 -39.32 -20.06
C VAL B 481 -31.88 -40.17 -20.48
N GLU B 482 -32.78 -40.45 -19.54
CA GLU B 482 -33.88 -41.39 -19.73
C GLU B 482 -35.20 -40.67 -19.54
N ASN B 483 -36.12 -40.86 -20.49
CA ASN B 483 -37.46 -40.28 -20.44
C ASN B 483 -37.39 -38.76 -20.25
N GLY B 484 -36.45 -38.14 -20.95
CA GLY B 484 -36.35 -36.69 -21.00
C GLY B 484 -36.22 -35.98 -19.67
N HIS B 485 -35.64 -36.64 -18.67
CA HIS B 485 -35.38 -35.96 -17.40
C HIS B 485 -34.25 -36.65 -16.65
N ILE B 486 -33.62 -35.91 -15.73
CA ILE B 486 -32.60 -36.42 -14.82
C ILE B 486 -33.06 -36.18 -13.40
N THR B 487 -32.41 -36.89 -12.47
CA THR B 487 -32.72 -36.72 -11.06
C THR B 487 -31.46 -36.50 -10.25
N LEU B 488 -31.47 -35.44 -9.45
CA LEU B 488 -30.33 -35.03 -8.62
C LEU B 488 -30.64 -35.35 -7.18
N GLU B 489 -29.87 -36.26 -6.58
CA GLU B 489 -30.00 -36.54 -5.16
C GLU B 489 -28.71 -36.16 -4.47
N PHE B 490 -28.82 -35.37 -3.40
CA PHE B 490 -27.66 -34.88 -2.68
C PHE B 490 -28.12 -34.36 -1.33
N THR B 491 -27.23 -34.53 -0.34
CA THR B 491 -27.48 -34.09 1.04
C THR B 491 -26.44 -33.07 1.48
N LEU B 492 -26.91 -31.86 1.81
CA LEU B 492 -26.11 -30.84 2.47
C LEU B 492 -25.77 -31.25 3.90
N GLY B 493 -24.50 -31.11 4.26
CA GLY B 493 -24.07 -31.24 5.63
C GLY B 493 -24.36 -29.97 6.41
N LYS B 494 -23.92 -29.95 7.65
CA LYS B 494 -24.17 -28.77 8.43
C LYS B 494 -23.39 -27.60 7.84
N ASN B 495 -24.08 -26.47 7.72
CA ASN B 495 -23.52 -25.17 7.34
C ASN B 495 -22.93 -25.19 5.93
N ALA B 496 -23.61 -25.84 4.98
CA ALA B 496 -23.06 -26.08 3.65
C ALA B 496 -23.69 -25.19 2.60
N VAL B 497 -22.96 -24.99 1.50
CA VAL B 497 -23.47 -24.34 0.30
C VAL B 497 -22.96 -25.14 -0.88
N THR B 498 -23.80 -25.35 -1.88
CA THR B 498 -23.29 -26.06 -3.05
C THR B 498 -23.93 -25.53 -4.32
N LEU B 499 -23.22 -25.80 -5.41
CA LEU B 499 -23.55 -25.34 -6.75
C LEU B 499 -23.59 -26.54 -7.66
N PHE B 500 -24.63 -26.63 -8.48
CA PHE B 500 -24.72 -27.66 -9.50
C PHE B 500 -24.85 -27.00 -10.85
N GLU B 501 -24.14 -27.52 -11.85
CA GLU B 501 -24.25 -27.01 -13.21
C GLU B 501 -24.47 -28.19 -14.12
N ILE B 502 -25.54 -28.11 -14.91
CA ILE B 502 -26.03 -29.21 -15.73
C ILE B 502 -26.02 -28.77 -17.19
N SER B 503 -25.42 -29.59 -18.04
CA SER B 503 -24.93 -29.15 -19.34
C SER B 503 -25.03 -30.27 -20.36
N LYS B 504 -25.31 -29.88 -21.60
CA LYS B 504 -25.35 -30.84 -22.68
C LYS B 504 -23.96 -31.32 -23.04
N VAL B 505 -23.84 -32.62 -23.29
CA VAL B 505 -22.61 -33.21 -23.82
C VAL B 505 -22.81 -33.49 -25.29
N ILE B 506 -21.79 -33.18 -26.10
CA ILE B 506 -21.71 -33.65 -27.47
C ILE B 506 -20.53 -34.61 -27.55
N ASP B 507 -20.79 -35.90 -27.40
CA ASP B 507 -19.69 -36.85 -27.34
C ASP B 507 -18.91 -36.80 -28.64
N GLU B 508 -17.58 -36.75 -28.55
CA GLU B 508 -16.70 -36.80 -29.71
C GLU B 508 -15.89 -38.10 -29.80
N SER B 509 -16.24 -39.11 -29.04
CA SER B 509 -15.43 -40.29 -29.08
C SER B 509 -15.49 -41.09 -30.32
N HIS B 510 -16.57 -40.99 -31.03
CA HIS B 510 -16.69 -41.76 -32.25
C HIS B 510 -15.65 -41.35 -33.27
N THR B 511 -15.24 -40.07 -33.22
CA THR B 511 -14.22 -39.53 -34.10
C THR B 511 -12.79 -39.92 -33.70
N TYR B 512 -12.59 -40.50 -32.52
CA TYR B 512 -11.29 -41.07 -32.15
C TYR B 512 -11.26 -42.49 -32.69
N ILE B 513 -10.58 -42.70 -33.81
CA ILE B 513 -10.66 -44.01 -34.43
C ILE B 513 -9.69 -44.93 -33.70
N GLY B 514 -10.05 -46.19 -33.56
CA GLY B 514 -9.23 -47.11 -32.80
C GLY B 514 -9.26 -46.92 -31.29
N LEU B 515 -10.06 -45.97 -30.80
CA LEU B 515 -10.15 -45.68 -29.37
C LEU B 515 -10.55 -46.90 -28.58
N ASP B 516 -9.81 -47.16 -27.49
CA ASP B 516 -10.12 -48.28 -26.59
C ASP B 516 -9.35 -48.14 -25.29
N ASP B 517 -10.01 -47.59 -24.26
CA ASP B 517 -9.34 -47.39 -22.99
C ASP B 517 -8.87 -48.70 -22.39
N SER B 518 -9.47 -49.81 -22.80
CA SER B 518 -9.12 -51.07 -22.19
C SER B 518 -7.68 -51.48 -22.48
N LYS B 519 -7.06 -50.89 -23.51
CA LYS B 519 -5.68 -51.25 -23.85
C LYS B 519 -4.63 -50.49 -23.04
N ILE B 520 -5.06 -49.73 -22.04
CA ILE B 520 -4.17 -48.95 -21.19
C ILE B 520 -3.87 -49.74 -19.92
N PRO B 521 -2.62 -50.09 -19.66
CA PRO B 521 -2.29 -50.63 -18.34
C PRO B 521 -2.94 -49.80 -17.25
N GLY B 522 -3.43 -50.46 -16.22
CA GLY B 522 -4.06 -49.73 -15.13
C GLY B 522 -5.49 -50.13 -14.85
N GLY B 523 -5.95 -51.20 -15.52
CA GLY B 523 -7.30 -51.71 -15.36
C GLY B 523 -8.34 -50.70 -15.80
N TYR B 524 -8.30 -50.30 -17.06
CA TYR B 524 -9.12 -49.20 -17.54
C TYR B 524 -10.21 -49.68 -18.50
C1 CIT C . 16.87 18.06 11.65
O1 CIT C . 16.60 16.86 11.89
O2 CIT C . 18.09 18.39 11.56
C2 CIT C . 15.73 19.07 11.47
C3 CIT C . 14.78 19.22 12.69
O7 CIT C . 15.57 19.15 13.91
C4 CIT C . 14.04 20.56 12.60
C5 CIT C . 14.43 21.64 13.61
O3 CIT C . 14.21 21.52 14.84
O4 CIT C . 14.96 22.70 13.21
C6 CIT C . 13.68 18.15 12.68
O5 CIT C . 12.52 18.45 13.04
O6 CIT C . 13.89 16.96 12.30
C1 EDO D . 15.02 13.57 8.48
O1 EDO D . 14.01 14.58 8.46
C2 EDO D . 16.09 14.00 9.48
O2 EDO D . 16.59 15.29 9.15
S SO4 E . 11.36 -0.02 -15.49
O1 SO4 E . 12.50 -0.74 -14.91
O2 SO4 E . 10.27 -0.01 -14.52
O3 SO4 E . 10.91 -0.69 -16.72
O4 SO4 E . 11.78 1.34 -15.80
S SO4 F . -6.37 -15.96 -8.77
O1 SO4 F . -5.43 -15.61 -7.69
O2 SO4 F . -7.40 -16.85 -8.23
O3 SO4 F . -5.72 -16.68 -9.87
O4 SO4 F . -6.95 -14.74 -9.33
#